data_6MAY
#
_entry.id   6MAY
#
_cell.length_a   57.810
_cell.length_b   120.810
_cell.length_c   179.060
_cell.angle_alpha   90.000
_cell.angle_beta   90.000
_cell.angle_gamma   90.000
#
_symmetry.space_group_name_H-M   'P 21 21 21'
#
loop_
_entity.id
_entity.type
_entity.pdbx_description
1 polymer 'Glycylpeptide N-tetradecanoyltransferase'
2 non-polymer 'TETRADEC-13-YNOIC ACID - COA THIOESTER'
3 non-polymer 'CHLORIDE ION'
4 non-polymer 1,2-ETHANEDIOL
5 non-polymer 'SULFATE ION'
6 water water
#
_entity_poly.entity_id   1
_entity_poly.type   'polypeptide(L)'
_entity_poly.pdbx_seq_one_letter_code
;MGSSHHHHHHSAALEVLFQGPDYKFWYTQPVPKINDEFNESVNEPFISDNKVEDVRKDEYKLPPGYSWYVCDVKDEKDRS
EIYTLLTDNYVEDDDNIFRFNYSAEFLLWALTSPNYLKTWHIGVKYDASNKLIGFISAIPTDICIHKRTIKMAEVNFLCV
HKTLRSKRLAPVLIKEITRRINLENIWQAIYTAGVYLPKPVSDARYYHRSINVKKLIEIGFSSLNSRLTMSRAIKLYRVE
DTLNIKNMRLMKKKDVEGVHKLLGSYLEQFNLYAVFTKEEIAHWFLPIENVIYTYVNEENGKIKDMISFYSLPSQILGND
KYSTLNAAYSFYNVTTTATFKQLMQDAILLAKRNNFDVFNALEVMQNKSVFEDLKFGEGDESLKYYLYNWKCASFAPAHV
GIVLL
;
_entity_poly.pdbx_strand_id   A,B,C
#
loop_
_chem_comp.id
_chem_comp.type
_chem_comp.name
_chem_comp.formula
CL non-polymer 'CHLORIDE ION' 'Cl -1'
EDO non-polymer 1,2-ETHANEDIOL 'C2 H6 O2'
SO4 non-polymer 'SULFATE ION' 'O4 S -2'
YNC non-polymer 'TETRADEC-13-YNOIC ACID - COA THIOESTER' 'C35 H58 N7 O17 P3 S'
#
# COMPACT_ATOMS: atom_id res chain seq x y z
N ASP A 22 6.52 -27.88 -22.39
CA ASP A 22 7.34 -28.72 -21.52
C ASP A 22 8.18 -27.91 -20.52
N TYR A 23 8.86 -26.85 -20.99
CA TYR A 23 9.73 -26.02 -20.16
C TYR A 23 10.80 -26.86 -19.46
N LYS A 24 11.48 -27.72 -20.23
CA LYS A 24 12.37 -28.68 -19.61
C LYS A 24 13.58 -28.02 -18.99
N PHE A 25 14.05 -26.91 -19.54
CA PHE A 25 15.06 -26.14 -18.83
C PHE A 25 14.44 -25.35 -17.68
N TRP A 26 13.41 -24.57 -17.97
CA TRP A 26 12.93 -23.60 -16.98
C TRP A 26 12.41 -24.27 -15.72
N TYR A 27 11.87 -25.49 -15.83
CA TYR A 27 11.38 -26.14 -14.62
C TYR A 27 12.50 -26.62 -13.70
N THR A 28 13.77 -26.63 -14.16
CA THR A 28 14.91 -26.87 -13.29
C THR A 28 15.33 -25.62 -12.53
N GLN A 29 14.78 -24.49 -12.88
CA GLN A 29 15.20 -23.21 -12.34
C GLN A 29 14.29 -22.77 -11.21
N PRO A 30 14.76 -21.88 -10.31
CA PRO A 30 13.87 -21.30 -9.27
C PRO A 30 12.99 -20.20 -9.82
N VAL A 31 11.99 -20.59 -10.61
CA VAL A 31 10.94 -19.72 -11.13
C VAL A 31 9.61 -20.43 -10.91
N PRO A 32 8.49 -19.69 -10.92
CA PRO A 32 7.19 -20.35 -10.70
C PRO A 32 6.88 -21.36 -11.79
N LYS A 33 6.20 -22.42 -11.40
CA LYS A 33 5.57 -23.30 -12.37
C LYS A 33 4.36 -22.62 -12.97
N ILE A 34 3.98 -23.07 -14.17
CA ILE A 34 2.94 -22.37 -14.93
C ILE A 34 1.65 -22.24 -14.12
N ASN A 35 1.37 -23.16 -13.21
CA ASN A 35 0.16 -23.10 -12.41
C ASN A 35 0.34 -22.41 -11.05
N ASP A 36 1.53 -21.88 -10.74
CA ASP A 36 1.77 -21.30 -9.42
C ASP A 36 1.04 -19.96 -9.27
N GLU A 37 0.43 -19.75 -8.10
CA GLU A 37 -0.30 -18.52 -7.80
C GLU A 37 -0.11 -18.21 -6.32
N PHE A 38 0.44 -17.03 -6.01
CA PHE A 38 0.73 -16.64 -4.65
C PHE A 38 -0.05 -15.37 -4.30
N ASN A 39 -0.50 -15.26 -3.05
CA ASN A 39 -1.20 -14.03 -2.67
C ASN A 39 -0.21 -13.00 -2.13
N GLU A 40 -0.75 -11.83 -1.74
CA GLU A 40 0.09 -10.71 -1.34
C GLU A 40 0.95 -11.01 -0.13
N SER A 41 0.63 -12.05 0.65
CA SER A 41 1.42 -12.33 1.83
C SER A 41 2.74 -13.04 1.50
N VAL A 42 2.95 -13.41 0.24
CA VAL A 42 4.15 -14.11 -0.20
C VAL A 42 4.99 -13.14 -1.01
N ASN A 43 6.24 -12.94 -0.59
CA ASN A 43 7.14 -12.00 -1.28
C ASN A 43 8.56 -12.33 -0.81
N GLU A 44 9.21 -13.27 -1.48
CA GLU A 44 10.43 -13.86 -0.93
C GLU A 44 11.07 -14.77 -2.00
N PRO A 45 12.35 -15.12 -1.83
CA PRO A 45 13.01 -15.98 -2.82
C PRO A 45 12.44 -17.40 -2.82
N PHE A 46 12.60 -18.08 -3.95
CA PHE A 46 12.39 -19.53 -3.97
C PHE A 46 13.46 -20.25 -3.17
N ILE A 47 14.72 -19.80 -3.31
CA ILE A 47 15.86 -20.41 -2.64
C ILE A 47 16.60 -19.28 -1.91
N SER A 48 16.66 -19.38 -0.59
CA SER A 48 17.36 -18.41 0.26
CA SER A 48 17.37 -18.41 0.23
C SER A 48 18.64 -19.04 0.79
N ASP A 49 19.37 -18.25 1.59
CA ASP A 49 20.60 -18.72 2.25
C ASP A 49 21.62 -19.25 1.25
N ASN A 50 21.74 -18.59 0.11
CA ASN A 50 22.74 -18.97 -0.87
C ASN A 50 24.12 -18.54 -0.41
N LYS A 51 25.15 -19.25 -0.90
CA LYS A 51 26.53 -19.04 -0.48
C LYS A 51 27.40 -18.82 -1.72
N VAL A 52 28.09 -17.66 -1.74
CA VAL A 52 29.05 -17.40 -2.83
C VAL A 52 30.12 -18.49 -2.87
N GLU A 53 30.64 -18.89 -1.72
CA GLU A 53 31.70 -19.89 -1.73
C GLU A 53 31.25 -21.22 -2.32
N ASP A 54 29.93 -21.45 -2.46
CA ASP A 54 29.49 -22.69 -3.06
C ASP A 54 29.21 -22.59 -4.57
N VAL A 55 29.24 -21.38 -5.15
CA VAL A 55 28.96 -21.22 -6.58
C VAL A 55 30.02 -21.94 -7.41
N ARG A 56 29.59 -22.57 -8.51
CA ARG A 56 30.54 -23.21 -9.43
C ARG A 56 31.59 -22.19 -9.87
N LYS A 57 32.85 -22.61 -9.86
CA LYS A 57 33.91 -21.70 -10.26
C LYS A 57 34.35 -21.87 -11.72
N ASP A 58 33.89 -22.92 -12.38
CA ASP A 58 34.26 -23.21 -13.77
C ASP A 58 33.18 -22.67 -14.70
N GLU A 59 33.60 -22.11 -15.84
CA GLU A 59 32.65 -21.75 -16.88
C GLU A 59 31.90 -23.00 -17.35
N TYR A 60 30.65 -22.80 -17.76
CA TYR A 60 29.86 -23.90 -18.30
C TYR A 60 30.46 -24.37 -19.63
N LYS A 61 30.36 -25.68 -19.87
CA LYS A 61 30.93 -26.26 -21.08
C LYS A 61 30.11 -25.82 -22.29
N LEU A 62 30.80 -25.46 -23.35
CA LEU A 62 30.19 -25.15 -24.63
C LEU A 62 30.42 -26.29 -25.60
N PRO A 63 29.64 -26.39 -26.68
CA PRO A 63 29.90 -27.43 -27.69
C PRO A 63 31.27 -27.25 -28.32
N PRO A 64 31.80 -28.28 -28.99
CA PRO A 64 33.16 -28.17 -29.53
C PRO A 64 33.29 -27.08 -30.57
N GLY A 65 34.41 -26.35 -30.51
CA GLY A 65 34.64 -25.26 -31.42
C GLY A 65 34.06 -23.92 -31.01
N TYR A 66 33.40 -23.84 -29.86
CA TYR A 66 32.86 -22.60 -29.32
C TYR A 66 33.59 -22.21 -28.05
N SER A 67 33.62 -20.91 -27.75
CA SER A 67 34.30 -20.49 -26.53
C SER A 67 33.67 -19.23 -25.99
N TRP A 68 33.76 -19.06 -24.67
CA TRP A 68 33.31 -17.83 -24.05
C TRP A 68 34.24 -16.69 -24.46
N TYR A 69 33.68 -15.50 -24.62
CA TYR A 69 34.45 -14.33 -24.98
C TYR A 69 34.09 -13.19 -24.03
N VAL A 70 35.11 -12.47 -23.57
CA VAL A 70 34.92 -11.34 -22.66
C VAL A 70 34.67 -10.12 -23.54
N CYS A 71 33.40 -9.72 -23.66
CA CYS A 71 33.08 -8.53 -24.45
C CYS A 71 33.43 -7.27 -23.65
N ASP A 72 34.29 -6.44 -24.21
CA ASP A 72 34.59 -5.11 -23.64
C ASP A 72 33.75 -4.11 -24.42
N VAL A 73 32.58 -3.75 -23.89
CA VAL A 73 31.67 -2.87 -24.61
CA VAL A 73 31.70 -2.88 -24.66
C VAL A 73 32.28 -1.49 -24.83
N LYS A 74 33.29 -1.13 -24.02
CA LYS A 74 33.98 0.14 -24.23
C LYS A 74 35.07 0.06 -25.30
N ASP A 75 35.34 -1.14 -25.81
CA ASP A 75 36.24 -1.34 -26.95
C ASP A 75 35.43 -1.27 -28.24
N GLU A 76 35.88 -0.42 -29.18
CA GLU A 76 35.09 -0.17 -30.39
C GLU A 76 34.85 -1.45 -31.19
N LYS A 77 35.87 -2.30 -31.30
CA LYS A 77 35.73 -3.52 -32.09
C LYS A 77 34.78 -4.52 -31.43
N ASP A 78 34.96 -4.80 -30.13
CA ASP A 78 34.03 -5.67 -29.42
C ASP A 78 32.60 -5.14 -29.50
N ARG A 79 32.43 -3.84 -29.29
CA ARG A 79 31.08 -3.27 -29.29
C ARG A 79 30.45 -3.38 -30.68
N SER A 80 31.25 -3.23 -31.73
CA SER A 80 30.72 -3.35 -33.08
C SER A 80 30.35 -4.79 -33.42
N GLU A 81 31.08 -5.76 -32.86
CA GLU A 81 30.70 -7.16 -33.04
C GLU A 81 29.37 -7.46 -32.35
N ILE A 82 29.15 -6.87 -31.17
CA ILE A 82 27.86 -7.05 -30.50
C ILE A 82 26.76 -6.41 -31.35
N TYR A 83 26.98 -5.18 -31.79
CA TYR A 83 26.01 -4.49 -32.64
C TYR A 83 25.63 -5.36 -33.84
N THR A 84 26.64 -5.88 -34.55
CA THR A 84 26.36 -6.66 -35.74
C THR A 84 25.55 -7.91 -35.43
N LEU A 85 25.94 -8.63 -34.37
CA LEU A 85 25.18 -9.81 -33.96
C LEU A 85 23.72 -9.46 -33.73
N LEU A 86 23.47 -8.39 -32.96
CA LEU A 86 22.09 -8.04 -32.59
C LEU A 86 21.35 -7.47 -33.79
N THR A 87 22.03 -6.70 -34.63
CA THR A 87 21.37 -6.14 -35.80
C THR A 87 20.84 -7.22 -36.73
N ASP A 88 21.62 -8.30 -36.90
CA ASP A 88 21.22 -9.35 -37.82
C ASP A 88 20.35 -10.43 -37.19
N ASN A 89 20.34 -10.56 -35.85
CA ASN A 89 19.78 -11.75 -35.23
C ASN A 89 18.85 -11.51 -34.05
N TYR A 90 18.60 -10.26 -33.65
CA TYR A 90 17.82 -10.02 -32.43
C TYR A 90 16.32 -9.97 -32.74
N VAL A 91 15.56 -9.29 -31.87
CA VAL A 91 14.11 -9.46 -31.82
C VAL A 91 13.45 -8.93 -33.09
N GLU A 92 12.64 -9.78 -33.72
CA GLU A 92 11.76 -9.38 -34.80
C GLU A 92 10.30 -9.46 -34.34
N ASP A 93 9.44 -8.67 -34.98
CA ASP A 93 8.03 -8.76 -34.68
C ASP A 93 7.46 -10.11 -35.16
N ASP A 94 6.28 -10.44 -34.65
CA ASP A 94 5.67 -11.74 -34.93
C ASP A 94 5.46 -11.99 -36.41
N ASP A 95 5.43 -10.94 -37.24
CA ASP A 95 5.25 -11.10 -38.68
C ASP A 95 6.55 -10.98 -39.47
N ASN A 96 7.70 -10.89 -38.78
CA ASN A 96 9.03 -10.91 -39.41
C ASN A 96 9.21 -9.82 -40.46
N ILE A 97 8.71 -8.61 -40.18
CA ILE A 97 8.89 -7.48 -41.09
C ILE A 97 9.80 -6.39 -40.51
N PHE A 98 9.92 -6.29 -39.18
CA PHE A 98 10.78 -5.32 -38.51
C PHE A 98 11.67 -6.03 -37.49
N ARG A 99 12.96 -5.67 -37.46
CA ARG A 99 13.91 -6.17 -36.48
CA ARG A 99 13.90 -6.18 -36.47
C ARG A 99 14.54 -5.00 -35.74
N PHE A 100 14.59 -5.09 -34.40
CA PHE A 100 15.22 -4.05 -33.59
C PHE A 100 16.63 -3.78 -34.09
N ASN A 101 17.02 -2.52 -34.05
CA ASN A 101 18.33 -2.08 -34.53
C ASN A 101 18.93 -1.10 -33.51
N TYR A 102 19.13 -1.60 -32.29
CA TYR A 102 19.91 -0.88 -31.30
C TYR A 102 21.21 -0.38 -31.91
N SER A 103 21.54 0.90 -31.68
CA SER A 103 22.79 1.45 -32.18
C SER A 103 23.95 1.12 -31.24
N ALA A 104 25.16 1.35 -31.74
CA ALA A 104 26.35 1.13 -30.94
C ALA A 104 26.38 2.06 -29.73
N GLU A 105 26.01 3.33 -29.93
CA GLU A 105 25.92 4.26 -28.81
C GLU A 105 24.84 3.84 -27.83
N PHE A 106 23.71 3.33 -28.31
CA PHE A 106 22.68 2.83 -27.41
C PHE A 106 23.23 1.68 -26.56
N LEU A 107 23.96 0.75 -27.18
CA LEU A 107 24.50 -0.38 -26.43
C LEU A 107 25.46 0.09 -25.35
N LEU A 108 26.29 1.07 -25.68
CA LEU A 108 27.21 1.64 -24.69
C LEU A 108 26.45 2.18 -23.50
N TRP A 109 25.40 2.97 -23.76
CA TRP A 109 24.58 3.54 -22.69
C TRP A 109 23.86 2.46 -21.89
N ALA A 110 23.29 1.48 -22.58
CA ALA A 110 22.53 0.44 -21.87
C ALA A 110 23.42 -0.41 -20.96
N LEU A 111 24.68 -0.61 -21.33
CA LEU A 111 25.48 -1.65 -20.70
C LEU A 111 26.53 -1.15 -19.73
N THR A 112 26.76 0.16 -19.66
CA THR A 112 27.78 0.75 -18.80
C THR A 112 27.18 1.69 -17.78
N SER A 113 26.02 1.30 -17.25
CA SER A 113 25.38 2.00 -16.15
C SER A 113 26.24 1.91 -14.89
N PRO A 114 25.97 2.74 -13.89
CA PRO A 114 26.84 2.80 -12.70
C PRO A 114 27.07 1.44 -12.07
N ASN A 115 28.33 1.18 -11.73
CA ASN A 115 28.76 -0.04 -11.05
C ASN A 115 28.63 -1.29 -11.91
N TYR A 116 28.47 -1.14 -13.23
CA TYR A 116 28.32 -2.31 -14.09
C TYR A 116 29.54 -3.20 -13.94
N LEU A 117 29.35 -4.49 -14.19
CA LEU A 117 30.42 -5.47 -14.13
C LEU A 117 30.77 -5.93 -15.54
N LYS A 118 32.06 -5.85 -15.88
CA LYS A 118 32.50 -6.31 -17.20
C LYS A 118 32.28 -7.83 -17.36
N THR A 119 32.35 -8.58 -16.26
CA THR A 119 32.15 -10.03 -16.34
C THR A 119 30.72 -10.39 -16.72
N TRP A 120 29.77 -9.46 -16.62
CA TRP A 120 28.39 -9.71 -17.00
C TRP A 120 28.08 -9.37 -18.46
N HIS A 121 29.09 -9.09 -19.29
CA HIS A 121 28.89 -8.90 -20.72
C HIS A 121 29.54 -10.09 -21.42
N ILE A 122 28.72 -11.08 -21.77
CA ILE A 122 29.20 -12.43 -22.10
C ILE A 122 28.97 -12.70 -23.58
N GLY A 123 30.06 -12.97 -24.30
CA GLY A 123 29.93 -13.38 -25.68
C GLY A 123 30.24 -14.84 -25.86
N VAL A 124 29.81 -15.42 -26.99
CA VAL A 124 30.28 -16.73 -27.43
C VAL A 124 30.75 -16.57 -28.87
N LYS A 125 31.93 -17.09 -29.16
CA LYS A 125 32.52 -17.07 -30.48
C LYS A 125 32.60 -18.48 -31.04
N TYR A 126 32.51 -18.58 -32.36
CA TYR A 126 32.89 -19.78 -33.08
C TYR A 126 34.38 -19.63 -33.43
N ASP A 127 35.19 -20.55 -32.90
CA ASP A 127 36.65 -20.37 -32.96
C ASP A 127 37.14 -20.28 -34.39
N ALA A 128 36.67 -21.17 -35.26
CA ALA A 128 37.22 -21.30 -36.61
C ALA A 128 37.06 -20.01 -37.41
N SER A 129 35.92 -19.34 -37.26
CA SER A 129 35.66 -18.09 -37.95
C SER A 129 35.87 -16.86 -37.07
N ASN A 130 36.18 -17.05 -35.79
CA ASN A 130 36.37 -15.94 -34.84
C ASN A 130 35.21 -14.96 -34.90
N LYS A 131 34.00 -15.49 -35.01
CA LYS A 131 32.79 -14.68 -35.14
C LYS A 131 31.94 -14.80 -33.88
N LEU A 132 31.44 -13.65 -33.39
CA LEU A 132 30.52 -13.67 -32.27
C LEU A 132 29.18 -14.25 -32.71
N ILE A 133 28.75 -15.35 -32.08
CA ILE A 133 27.50 -16.00 -32.46
C ILE A 133 26.49 -16.04 -31.32
N GLY A 134 26.86 -15.59 -30.13
CA GLY A 134 25.92 -15.54 -29.02
C GLY A 134 26.31 -14.44 -28.06
N PHE A 135 25.32 -13.95 -27.31
CA PHE A 135 25.53 -12.84 -26.38
C PHE A 135 24.44 -12.86 -25.33
N ILE A 136 24.82 -12.47 -24.11
CA ILE A 136 23.87 -12.18 -23.04
C ILE A 136 24.54 -11.21 -22.08
N SER A 137 23.74 -10.35 -21.46
CA SER A 137 24.28 -9.29 -20.63
C SER A 137 23.41 -9.08 -19.40
N ALA A 138 24.02 -8.51 -18.37
CA ALA A 138 23.27 -8.05 -17.22
C ALA A 138 23.92 -6.81 -16.63
N ILE A 139 23.11 -5.97 -16.00
CA ILE A 139 23.60 -4.81 -15.25
C ILE A 139 22.97 -4.86 -13.86
N PRO A 140 23.66 -4.36 -12.83
CA PRO A 140 23.08 -4.39 -11.49
C PRO A 140 22.12 -3.24 -11.27
N THR A 141 21.08 -3.52 -10.49
CA THR A 141 20.08 -2.51 -10.20
C THR A 141 19.34 -2.93 -8.94
N ASP A 142 18.90 -1.93 -8.16
CA ASP A 142 18.08 -2.15 -6.98
C ASP A 142 16.62 -2.16 -7.40
N ILE A 143 15.94 -3.27 -7.13
CA ILE A 143 14.56 -3.47 -7.58
C ILE A 143 13.66 -3.57 -6.35
N CYS A 144 12.65 -2.72 -6.30
CA CYS A 144 11.62 -2.79 -5.27
C CYS A 144 10.43 -3.59 -5.81
N ILE A 145 10.20 -4.76 -5.23
CA ILE A 145 9.09 -5.64 -5.61
C ILE A 145 8.18 -5.75 -4.39
N HIS A 146 6.91 -5.35 -4.55
CA HIS A 146 5.93 -5.31 -3.46
C HIS A 146 6.54 -4.71 -2.20
N LYS A 147 7.21 -3.56 -2.38
CA LYS A 147 7.79 -2.76 -1.31
C LYS A 147 9.01 -3.39 -0.63
N ARG A 148 9.55 -4.50 -1.15
CA ARG A 148 10.85 -5.01 -0.69
C ARG A 148 11.92 -4.71 -1.74
N THR A 149 13.01 -4.06 -1.31
CA THR A 149 14.08 -3.67 -2.23
C THR A 149 15.20 -4.70 -2.20
N ILE A 150 15.52 -5.25 -3.37
CA ILE A 150 16.43 -6.38 -3.53
C ILE A 150 17.49 -5.98 -4.55
N LYS A 151 18.77 -6.20 -4.23
CA LYS A 151 19.82 -6.07 -5.24
C LYS A 151 19.64 -7.16 -6.29
N MET A 152 19.49 -6.75 -7.54
CA MET A 152 19.17 -7.69 -8.62
C MET A 152 20.13 -7.48 -9.80
N ALA A 153 20.11 -8.44 -10.70
CA ALA A 153 20.74 -8.28 -12.00
C ALA A 153 19.62 -8.07 -13.04
N GLU A 154 19.79 -7.07 -13.89
CA GLU A 154 18.85 -6.82 -14.98
C GLU A 154 19.44 -7.44 -16.25
N VAL A 155 18.83 -8.53 -16.72
CA VAL A 155 19.36 -9.32 -17.84
C VAL A 155 18.75 -8.83 -19.14
N ASN A 156 19.61 -8.54 -20.14
CA ASN A 156 19.10 -8.12 -21.43
C ASN A 156 19.97 -8.65 -22.57
N PHE A 157 19.45 -8.50 -23.79
CA PHE A 157 20.16 -8.78 -25.05
C PHE A 157 20.59 -10.23 -25.19
N LEU A 158 19.81 -11.17 -24.66
CA LEU A 158 20.05 -12.57 -24.99
C LEU A 158 19.87 -12.78 -26.50
N CYS A 159 20.94 -13.20 -27.18
CA CYS A 159 20.87 -13.37 -28.62
C CYS A 159 21.69 -14.57 -29.05
N VAL A 160 21.13 -15.40 -29.93
CA VAL A 160 21.83 -16.53 -30.51
C VAL A 160 21.71 -16.39 -32.02
N HIS A 161 22.85 -16.55 -32.72
CA HIS A 161 22.86 -16.40 -34.17
C HIS A 161 21.78 -17.26 -34.82
N LYS A 162 21.12 -16.68 -35.83
CA LYS A 162 20.00 -17.35 -36.50
C LYS A 162 20.37 -18.74 -36.99
N THR A 163 21.60 -18.92 -37.46
CA THR A 163 21.98 -20.22 -38.02
C THR A 163 22.10 -21.30 -36.97
N LEU A 164 22.08 -20.95 -35.69
CA LEU A 164 22.32 -21.88 -34.60
C LEU A 164 21.14 -21.98 -33.65
N ARG A 165 19.95 -21.59 -34.11
CA ARG A 165 18.76 -21.64 -33.27
C ARG A 165 18.41 -23.07 -32.90
N SER A 166 17.69 -23.22 -31.78
CA SER A 166 17.19 -24.52 -31.33
C SER A 166 18.31 -25.55 -31.20
N LYS A 167 19.49 -25.09 -30.77
CA LYS A 167 20.58 -25.99 -30.40
C LYS A 167 20.86 -25.97 -28.91
N ARG A 168 19.90 -25.47 -28.11
CA ARG A 168 20.02 -25.40 -26.66
C ARG A 168 21.21 -24.55 -26.22
N LEU A 169 21.58 -23.54 -27.01
CA LEU A 169 22.61 -22.61 -26.55
C LEU A 169 22.07 -21.64 -25.51
N ALA A 170 20.82 -21.22 -25.65
CA ALA A 170 20.26 -20.25 -24.71
C ALA A 170 20.35 -20.71 -23.25
N PRO A 171 19.97 -21.94 -22.88
CA PRO A 171 20.16 -22.34 -21.48
C PRO A 171 21.61 -22.23 -21.02
N VAL A 172 22.58 -22.50 -21.90
CA VAL A 172 23.97 -22.43 -21.45
C VAL A 172 24.35 -20.99 -21.16
N LEU A 173 23.92 -20.06 -22.02
CA LEU A 173 24.16 -18.64 -21.75
CA LEU A 173 24.16 -18.64 -21.75
C LEU A 173 23.50 -18.21 -20.45
N ILE A 174 22.24 -18.61 -20.24
CA ILE A 174 21.51 -18.25 -19.02
C ILE A 174 22.23 -18.83 -17.80
N LYS A 175 22.64 -20.09 -17.85
CA LYS A 175 23.30 -20.68 -16.69
C LYS A 175 24.63 -19.98 -16.42
N GLU A 176 25.36 -19.60 -17.46
CA GLU A 176 26.67 -19.02 -17.22
C GLU A 176 26.54 -17.61 -16.62
N ILE A 177 25.59 -16.80 -17.10
CA ILE A 177 25.45 -15.48 -16.49
C ILE A 177 24.88 -15.59 -15.07
N THR A 178 24.02 -16.59 -14.81
CA THR A 178 23.55 -16.82 -13.45
C THR A 178 24.74 -17.08 -12.52
N ARG A 179 25.67 -17.92 -12.97
CA ARG A 179 26.89 -18.20 -12.21
C ARG A 179 27.66 -16.91 -11.92
N ARG A 180 27.84 -16.07 -12.93
CA ARG A 180 28.65 -14.87 -12.75
C ARG A 180 27.96 -13.85 -11.87
N ILE A 181 26.63 -13.83 -11.89
CA ILE A 181 25.88 -12.93 -11.02
C ILE A 181 25.92 -13.45 -9.58
N ASN A 182 25.76 -14.75 -9.39
CA ASN A 182 25.90 -15.35 -8.06
C ASN A 182 27.27 -15.09 -7.45
N LEU A 183 28.33 -15.01 -8.26
CA LEU A 183 29.65 -14.72 -7.71
C LEU A 183 29.76 -13.30 -7.16
N GLU A 184 28.81 -12.43 -7.47
CA GLU A 184 28.70 -11.13 -6.82
C GLU A 184 27.71 -11.15 -5.66
N ASN A 185 27.29 -12.33 -5.22
CA ASN A 185 26.38 -12.45 -4.08
C ASN A 185 25.04 -11.82 -4.41
N ILE A 186 24.60 -11.97 -5.65
CA ILE A 186 23.29 -11.54 -6.10
C ILE A 186 22.56 -12.76 -6.63
N TRP A 187 21.30 -12.91 -6.20
CA TRP A 187 20.59 -14.16 -6.38
C TRP A 187 19.21 -13.99 -6.98
N GLN A 188 18.84 -12.76 -7.36
CA GLN A 188 17.59 -12.46 -8.03
C GLN A 188 17.91 -11.72 -9.33
N ALA A 189 16.99 -11.80 -10.28
CA ALA A 189 17.15 -11.07 -11.53
C ALA A 189 15.79 -10.62 -12.03
N ILE A 190 15.79 -9.53 -12.81
CA ILE A 190 14.61 -9.05 -13.50
C ILE A 190 14.91 -9.07 -14.99
N TYR A 191 13.91 -9.46 -15.78
CA TYR A 191 14.04 -9.55 -17.24
C TYR A 191 12.67 -9.45 -17.87
N THR A 192 12.63 -9.04 -19.13
CA THR A 192 11.41 -9.00 -19.91
C THR A 192 11.59 -9.76 -21.22
N ALA A 193 10.48 -10.21 -21.77
CA ALA A 193 10.50 -10.94 -23.02
C ALA A 193 9.12 -10.86 -23.63
N GLY A 194 9.07 -10.89 -24.96
CA GLY A 194 7.80 -11.04 -25.65
C GLY A 194 7.22 -12.43 -25.58
N VAL A 195 8.05 -13.44 -25.38
CA VAL A 195 7.54 -14.81 -25.31
C VAL A 195 7.05 -15.10 -23.90
N TYR A 196 6.14 -16.06 -23.80
CA TYR A 196 5.60 -16.47 -22.51
C TYR A 196 6.54 -17.52 -21.93
N LEU A 197 7.02 -17.26 -20.71
CA LEU A 197 7.88 -18.18 -19.98
C LEU A 197 7.33 -18.31 -18.57
N PRO A 198 7.77 -19.32 -17.82
CA PRO A 198 7.37 -19.41 -16.40
C PRO A 198 8.13 -18.38 -15.58
N LYS A 199 7.41 -17.46 -14.93
CA LYS A 199 6.00 -17.12 -15.15
C LYS A 199 5.91 -15.61 -14.90
N PRO A 200 5.18 -14.89 -15.75
CA PRO A 200 5.19 -13.43 -15.66
C PRO A 200 4.66 -12.93 -14.33
N VAL A 201 5.33 -11.91 -13.77
CA VAL A 201 4.71 -11.17 -12.68
CA VAL A 201 4.74 -11.14 -12.68
C VAL A 201 3.72 -10.14 -13.21
N SER A 202 3.81 -9.77 -14.48
CA SER A 202 2.88 -8.84 -15.11
C SER A 202 3.13 -8.89 -16.62
N ASP A 203 2.19 -8.32 -17.37
CA ASP A 203 2.17 -8.46 -18.82
C ASP A 203 1.55 -7.19 -19.39
N ALA A 204 2.27 -6.46 -20.24
CA ALA A 204 1.86 -5.13 -20.67
C ALA A 204 1.87 -5.05 -22.18
N ARG A 205 0.71 -4.79 -22.78
CA ARG A 205 0.61 -4.60 -24.22
C ARG A 205 1.33 -3.34 -24.68
N TYR A 206 1.88 -3.39 -25.90
CA TYR A 206 2.40 -2.19 -26.54
C TYR A 206 1.28 -1.41 -27.24
N TYR A 207 1.39 -0.08 -27.21
CA TYR A 207 0.50 0.78 -27.97
C TYR A 207 1.34 1.76 -28.77
N HIS A 208 0.78 2.24 -29.88
CA HIS A 208 1.54 2.96 -30.89
C HIS A 208 0.80 4.20 -31.35
N ARG A 209 1.49 5.34 -31.35
CA ARG A 209 0.91 6.62 -31.74
C ARG A 209 1.63 7.07 -33.01
N SER A 210 0.91 7.03 -34.13
CA SER A 210 1.49 7.42 -35.41
C SER A 210 1.93 8.88 -35.39
N ILE A 211 3.11 9.15 -35.95
CA ILE A 211 3.55 10.52 -36.14
C ILE A 211 3.74 10.82 -37.61
N ASN A 212 4.58 10.02 -38.28
CA ASN A 212 4.76 10.12 -39.73
CA ASN A 212 4.77 10.10 -39.73
C ASN A 212 3.83 9.09 -40.37
N VAL A 213 2.57 9.53 -40.56
CA VAL A 213 1.49 8.63 -40.98
C VAL A 213 1.79 7.96 -42.31
N LYS A 214 2.08 8.76 -43.33
CA LYS A 214 2.23 8.23 -44.68
C LYS A 214 3.32 7.16 -44.73
N LYS A 215 4.43 7.39 -44.04
CA LYS A 215 5.49 6.38 -44.01
C LYS A 215 5.04 5.10 -43.32
N LEU A 216 4.30 5.23 -42.22
CA LEU A 216 3.85 4.04 -41.50
C LEU A 216 2.91 3.21 -42.37
N ILE A 217 2.06 3.87 -43.14
CA ILE A 217 1.16 3.16 -44.05
CA ILE A 217 1.16 3.17 -44.06
C ILE A 217 1.95 2.42 -45.11
N GLU A 218 2.89 3.13 -45.77
CA GLU A 218 3.60 2.54 -46.90
C GLU A 218 4.49 1.37 -46.47
N ILE A 219 4.93 1.34 -45.22
CA ILE A 219 5.70 0.18 -44.76
C ILE A 219 4.83 -0.88 -44.12
N GLY A 220 3.50 -0.70 -44.11
CA GLY A 220 2.64 -1.68 -43.51
C GLY A 220 2.68 -1.74 -41.99
N PHE A 221 3.24 -0.73 -41.32
CA PHE A 221 3.07 -0.62 -39.87
C PHE A 221 1.62 -0.35 -39.52
N SER A 222 1.00 0.63 -40.19
CA SER A 222 -0.40 1.00 -40.07
C SER A 222 -1.14 0.67 -41.36
N SER A 223 -2.47 0.82 -41.33
CA SER A 223 -3.33 0.44 -42.44
C SER A 223 -4.39 1.52 -42.69
N LEU A 224 -4.88 1.54 -43.92
CA LEU A 224 -5.99 2.39 -44.35
C LEU A 224 -7.26 1.56 -44.51
N ASN A 225 -8.36 2.23 -44.87
CA ASN A 225 -9.63 1.57 -45.18
C ASN A 225 -10.63 2.51 -45.83
N LEU A 228 -11.07 5.43 -44.13
CA LEU A 228 -9.85 6.16 -43.78
C LEU A 228 -8.90 6.29 -44.97
N THR A 229 -9.10 7.33 -45.78
CA THR A 229 -8.21 7.61 -46.88
C THR A 229 -6.87 8.11 -46.37
N MET A 230 -5.91 8.22 -47.30
CA MET A 230 -4.58 8.69 -46.93
C MET A 230 -4.64 10.08 -46.33
N SER A 231 -5.39 10.99 -46.98
CA SER A 231 -5.46 12.36 -46.50
C SER A 231 -6.17 12.46 -45.16
N ARG A 232 -7.23 11.66 -44.94
CA ARG A 232 -7.91 11.69 -43.66
C ARG A 232 -7.02 11.14 -42.55
N ALA A 233 -6.25 10.09 -42.85
CA ALA A 233 -5.36 9.55 -41.83
C ALA A 233 -4.34 10.57 -41.41
N ILE A 234 -3.75 11.26 -42.39
CA ILE A 234 -2.79 12.31 -42.11
C ILE A 234 -3.43 13.39 -41.24
N LYS A 235 -4.67 13.77 -41.56
CA LYS A 235 -5.33 14.81 -40.77
C LYS A 235 -5.64 14.32 -39.37
N LEU A 236 -6.07 13.06 -39.24
CA LEU A 236 -6.45 12.53 -37.93
C LEU A 236 -5.28 12.60 -36.95
N TYR A 237 -4.07 12.31 -37.40
CA TYR A 237 -2.92 12.18 -36.51
C TYR A 237 -2.06 13.43 -36.46
N ARG A 238 -2.46 14.50 -37.14
CA ARG A 238 -1.75 15.78 -37.10
C ARG A 238 -1.54 16.25 -35.66
N VAL A 239 -0.47 17.01 -35.46
CA VAL A 239 -0.04 17.48 -34.16
C VAL A 239 0.14 18.99 -34.22
N GLU A 240 -0.50 19.72 -33.30
CA GLU A 240 -0.18 21.15 -33.15
C GLU A 240 1.22 21.29 -32.55
N ASP A 241 2.04 22.16 -33.16
CA ASP A 241 3.42 22.37 -32.73
C ASP A 241 3.53 23.38 -31.60
N THR A 242 2.69 23.24 -30.58
CA THR A 242 2.77 24.08 -29.39
C THR A 242 2.64 23.21 -28.16
N LEU A 243 3.59 23.35 -27.24
CA LEU A 243 3.60 22.55 -26.02
C LEU A 243 2.50 22.99 -25.06
N ASN A 244 1.90 22.03 -24.36
CA ASN A 244 1.02 22.37 -23.25
C ASN A 244 1.81 22.97 -22.09
N ILE A 245 3.02 22.48 -21.87
CA ILE A 245 3.92 22.96 -20.83
C ILE A 245 5.03 23.73 -21.54
N LYS A 246 4.84 25.05 -21.65
CA LYS A 246 5.64 25.84 -22.58
CA LYS A 246 5.64 25.85 -22.57
C LYS A 246 7.13 25.81 -22.27
N ASN A 247 7.50 25.67 -20.99
CA ASN A 247 8.92 25.73 -20.64
C ASN A 247 9.61 24.37 -20.62
N MET A 248 8.96 23.31 -21.12
CA MET A 248 9.64 22.01 -21.24
C MET A 248 10.92 22.17 -22.05
N ARG A 249 12.04 21.75 -21.47
CA ARG A 249 13.36 21.95 -22.06
C ARG A 249 14.23 20.75 -21.77
N LEU A 250 15.28 20.57 -22.58
CA LEU A 250 16.19 19.45 -22.40
C LEU A 250 16.83 19.47 -21.02
N MET A 251 16.93 18.30 -20.41
CA MET A 251 17.52 18.18 -19.08
C MET A 251 19.02 18.49 -19.14
N LYS A 252 19.51 19.10 -18.07
CA LYS A 252 20.94 19.38 -17.95
C LYS A 252 21.44 18.82 -16.63
N LYS A 253 22.76 18.85 -16.46
CA LYS A 253 23.39 18.24 -15.29
C LYS A 253 22.85 18.86 -13.99
N LYS A 254 22.64 20.17 -13.97
CA LYS A 254 22.10 20.83 -12.77
C LYS A 254 20.71 20.30 -12.40
N ASP A 255 20.00 19.66 -13.34
CA ASP A 255 18.65 19.15 -13.11
C ASP A 255 18.62 17.78 -12.45
N VAL A 256 19.77 17.18 -12.15
CA VAL A 256 19.79 15.76 -11.77
C VAL A 256 19.09 15.56 -10.43
N GLU A 257 19.47 16.35 -9.44
CA GLU A 257 18.85 16.23 -8.12
C GLU A 257 17.34 16.44 -8.18
N GLY A 258 16.89 17.41 -8.98
CA GLY A 258 15.45 17.63 -9.11
C GLY A 258 14.72 16.48 -9.77
N VAL A 259 15.32 15.91 -10.82
CA VAL A 259 14.73 14.72 -11.45
C VAL A 259 14.75 13.55 -10.49
N HIS A 260 15.84 13.39 -9.75
CA HIS A 260 15.94 12.32 -8.76
C HIS A 260 14.79 12.41 -7.75
N LYS A 261 14.54 13.60 -7.22
CA LYS A 261 13.49 13.73 -6.22
C LYS A 261 12.10 13.52 -6.83
N LEU A 262 11.86 14.09 -8.02
CA LEU A 262 10.54 13.98 -8.65
C LEU A 262 10.23 12.54 -9.05
N LEU A 263 11.16 11.89 -9.74
CA LEU A 263 10.89 10.53 -10.20
C LEU A 263 10.90 9.54 -9.04
N GLY A 264 11.86 9.69 -8.12
CA GLY A 264 11.96 8.75 -7.01
C GLY A 264 10.70 8.72 -6.15
N SER A 265 10.13 9.90 -5.88
CA SER A 265 8.88 9.95 -5.12
C SER A 265 7.73 9.36 -5.92
N TYR A 266 7.69 9.64 -7.23
CA TYR A 266 6.60 9.14 -8.07
C TYR A 266 6.59 7.61 -8.13
N LEU A 267 7.76 6.99 -8.23
CA LEU A 267 7.83 5.55 -8.49
C LEU A 267 7.44 4.71 -7.28
N GLU A 268 7.42 5.29 -6.08
CA GLU A 268 7.13 4.51 -4.89
C GLU A 268 5.70 3.98 -4.84
N GLN A 269 4.79 4.53 -5.65
CA GLN A 269 3.43 4.01 -5.64
C GLN A 269 3.28 2.65 -6.31
N PHE A 270 4.29 2.18 -7.05
CA PHE A 270 4.13 0.99 -7.90
C PHE A 270 4.62 -0.27 -7.19
N ASN A 271 4.12 -1.42 -7.67
CA ASN A 271 4.51 -2.72 -7.14
C ASN A 271 5.87 -3.19 -7.63
N LEU A 272 6.42 -2.57 -8.66
CA LEU A 272 7.69 -3.01 -9.23
C LEU A 272 8.36 -1.79 -9.83
N TYR A 273 9.49 -1.37 -9.26
CA TYR A 273 10.23 -0.26 -9.83
C TYR A 273 11.69 -0.36 -9.42
N ALA A 274 12.54 0.33 -10.19
CA ALA A 274 13.94 0.46 -9.83
C ALA A 274 14.11 1.63 -8.88
N VAL A 275 14.96 1.45 -7.87
CA VAL A 275 15.28 2.50 -6.90
C VAL A 275 16.57 3.16 -7.39
N PHE A 276 16.44 4.32 -8.03
CA PHE A 276 17.59 4.96 -8.64
C PHE A 276 18.36 5.80 -7.63
N THR A 277 19.68 5.70 -7.67
CA THR A 277 20.53 6.66 -7.00
C THR A 277 20.69 7.89 -7.88
N LYS A 278 21.25 8.96 -7.30
CA LYS A 278 21.47 10.18 -8.09
C LYS A 278 22.38 9.88 -9.27
N GLU A 279 23.37 9.02 -9.07
CA GLU A 279 24.28 8.66 -10.16
C GLU A 279 23.54 7.90 -11.25
N GLU A 280 22.61 7.03 -10.88
CA GLU A 280 21.83 6.33 -11.90
C GLU A 280 20.90 7.28 -12.64
N ILE A 281 20.30 8.24 -11.93
CA ILE A 281 19.49 9.25 -12.61
C ILE A 281 20.31 9.97 -13.67
N ALA A 282 21.52 10.39 -13.29
CA ALA A 282 22.37 11.10 -14.25
C ALA A 282 22.65 10.22 -15.46
N HIS A 283 22.91 8.91 -15.22
CA HIS A 283 23.24 8.03 -16.32
C HIS A 283 22.05 7.79 -17.22
N TRP A 284 20.90 7.43 -16.64
CA TRP A 284 19.76 6.99 -17.44
C TRP A 284 18.98 8.13 -18.09
N PHE A 285 19.13 9.39 -17.62
CA PHE A 285 18.29 10.47 -18.14
C PHE A 285 19.01 11.64 -18.79
N LEU A 286 20.28 11.88 -18.53
CA LEU A 286 20.93 13.00 -19.21
C LEU A 286 20.93 12.75 -20.72
N PRO A 287 20.51 13.73 -21.53
CA PRO A 287 20.24 13.45 -22.94
C PRO A 287 21.49 13.03 -23.70
N ILE A 288 21.31 12.02 -24.57
CA ILE A 288 22.31 11.61 -25.54
C ILE A 288 21.60 11.53 -26.88
N GLU A 289 22.04 12.33 -27.84
CA GLU A 289 21.32 12.42 -29.11
C GLU A 289 21.23 11.03 -29.75
N ASN A 290 20.04 10.73 -30.29
CA ASN A 290 19.74 9.43 -30.91
C ASN A 290 19.85 8.26 -29.93
N VAL A 291 19.87 8.53 -28.62
CA VAL A 291 19.82 7.48 -27.61
C VAL A 291 18.70 7.77 -26.61
N ILE A 292 18.82 8.86 -25.84
CA ILE A 292 17.89 9.12 -24.75
C ILE A 292 17.57 10.62 -24.72
N TYR A 293 16.29 10.93 -24.58
CA TYR A 293 15.78 12.30 -24.60
C TYR A 293 15.01 12.54 -23.31
N THR A 294 15.42 13.54 -22.54
CA THR A 294 14.72 13.86 -21.31
C THR A 294 14.47 15.35 -21.28
N TYR A 295 13.24 15.73 -20.98
CA TYR A 295 12.84 17.14 -20.92
C TYR A 295 12.26 17.43 -19.55
N VAL A 296 12.55 18.60 -19.01
CA VAL A 296 12.09 18.97 -17.68
C VAL A 296 11.37 20.33 -17.75
N ASN A 297 10.47 20.52 -16.80
CA ASN A 297 9.82 21.80 -16.59
C ASN A 297 10.27 22.30 -15.23
N GLU A 298 11.04 23.39 -15.22
CA GLU A 298 11.55 23.98 -14.00
C GLU A 298 10.72 25.20 -13.64
N GLU A 299 10.23 25.23 -12.40
CA GLU A 299 9.36 26.31 -11.95
C GLU A 299 9.77 26.68 -10.54
N ASN A 300 10.14 27.95 -10.35
CA ASN A 300 10.57 28.47 -9.04
C ASN A 300 11.67 27.60 -8.43
N GLY A 301 12.62 27.18 -9.26
CA GLY A 301 13.75 26.39 -8.82
C GLY A 301 13.56 24.88 -8.86
N LYS A 302 12.32 24.40 -8.88
CA LYS A 302 12.02 22.99 -8.68
C LYS A 302 11.62 22.30 -9.99
N ILE A 303 12.10 21.07 -10.19
CA ILE A 303 11.67 20.28 -11.33
C ILE A 303 10.28 19.74 -11.04
N LYS A 304 9.27 20.23 -11.76
CA LYS A 304 7.90 19.85 -11.47
C LYS A 304 7.29 18.86 -12.45
N ASP A 305 7.86 18.73 -13.64
CA ASP A 305 7.38 17.78 -14.64
C ASP A 305 8.57 17.26 -15.42
N MET A 306 8.43 16.05 -15.96
CA MET A 306 9.49 15.48 -16.78
C MET A 306 8.90 14.57 -17.83
N ILE A 307 9.55 14.52 -18.98
CA ILE A 307 9.19 13.64 -20.09
C ILE A 307 10.45 12.93 -20.52
N SER A 308 10.38 11.61 -20.74
CA SER A 308 11.55 10.95 -21.30
C SER A 308 11.15 9.84 -22.25
N PHE A 309 11.97 9.66 -23.29
CA PHE A 309 11.80 8.56 -24.24
C PHE A 309 13.15 8.23 -24.84
N TYR A 310 13.33 6.96 -25.18
CA TYR A 310 14.56 6.51 -25.80
C TYR A 310 14.33 6.18 -27.27
N SER A 311 15.43 6.20 -28.02
CA SER A 311 15.44 5.92 -29.45
C SER A 311 15.80 4.46 -29.70
N LEU A 312 14.94 3.75 -30.42
CA LEU A 312 15.23 2.37 -30.81
C LEU A 312 14.66 2.16 -32.20
N PRO A 313 15.47 2.38 -33.23
CA PRO A 313 14.99 2.16 -34.59
C PRO A 313 14.87 0.68 -34.88
N SER A 314 14.01 0.36 -35.84
CA SER A 314 13.89 -1.00 -36.35
C SER A 314 14.30 -1.02 -37.81
N GLN A 315 15.11 -2.01 -38.16
CA GLN A 315 15.37 -2.30 -39.56
C GLN A 315 14.07 -2.74 -40.21
N ILE A 316 13.78 -2.19 -41.38
CA ILE A 316 12.63 -2.60 -42.17
C ILE A 316 13.11 -3.67 -43.15
N LEU A 317 12.70 -4.91 -42.91
CA LEU A 317 13.12 -6.05 -43.72
C LEU A 317 12.31 -6.07 -45.01
N GLY A 318 12.96 -5.83 -46.14
CA GLY A 318 12.32 -6.00 -47.43
C GLY A 318 11.37 -4.90 -47.82
N ASN A 319 11.81 -3.65 -47.70
CA ASN A 319 11.10 -2.51 -48.28
C ASN A 319 12.11 -1.74 -49.10
N ASP A 320 11.80 -1.53 -50.39
CA ASP A 320 12.73 -0.88 -51.29
C ASP A 320 12.72 0.64 -51.18
N LYS A 321 11.79 1.23 -50.43
CA LYS A 321 11.78 2.68 -50.26
C LYS A 321 12.34 3.14 -48.92
N TYR A 322 12.10 2.38 -47.87
CA TYR A 322 12.47 2.75 -46.51
C TYR A 322 13.26 1.60 -45.90
N SER A 323 14.36 1.93 -45.24
CA SER A 323 15.17 0.91 -44.59
C SER A 323 15.11 0.97 -43.08
N THR A 324 14.61 2.06 -42.50
CA THR A 324 14.64 2.26 -41.06
C THR A 324 13.33 2.87 -40.59
N LEU A 325 12.76 2.31 -39.52
CA LEU A 325 11.68 2.94 -38.79
C LEU A 325 12.28 3.62 -37.56
N ASN A 326 12.14 4.95 -37.48
CA ASN A 326 12.67 5.74 -36.35
C ASN A 326 11.61 5.84 -35.27
N ALA A 327 11.74 5.03 -34.22
CA ALA A 327 10.74 4.94 -33.17
C ALA A 327 11.25 5.49 -31.85
N ALA A 328 10.40 6.29 -31.20
CA ALA A 328 10.60 6.73 -29.83
C ALA A 328 9.81 5.82 -28.89
N TYR A 329 10.42 5.44 -27.77
CA TYR A 329 9.77 4.62 -26.76
C TYR A 329 9.63 5.41 -25.46
N SER A 330 8.39 5.56 -25.00
CA SER A 330 8.13 6.19 -23.71
C SER A 330 8.95 5.51 -22.63
N PHE A 331 9.52 6.32 -21.74
CA PHE A 331 10.46 5.84 -20.75
C PHE A 331 9.87 6.16 -19.38
N TYR A 332 10.17 7.35 -18.84
CA TYR A 332 9.53 7.78 -17.60
C TYR A 332 8.98 9.20 -17.75
N ASN A 333 7.72 9.38 -17.34
CA ASN A 333 7.00 10.63 -17.50
C ASN A 333 6.25 10.94 -16.21
N VAL A 334 6.45 12.14 -15.65
CA VAL A 334 5.79 12.55 -14.41
C VAL A 334 5.29 13.98 -14.55
N THR A 335 4.06 14.25 -14.10
CA THR A 335 3.57 15.63 -14.13
C THR A 335 2.94 16.02 -12.80
N THR A 336 3.25 17.24 -12.36
CA THR A 336 2.59 17.82 -11.21
C THR A 336 1.94 19.17 -11.50
N THR A 337 2.10 19.74 -12.70
CA THR A 337 1.44 20.99 -13.05
C THR A 337 0.48 20.88 -14.23
N ALA A 338 0.26 19.68 -14.77
CA ALA A 338 -0.62 19.48 -15.91
C ALA A 338 -1.34 18.15 -15.72
N THR A 339 -2.25 17.81 -16.62
CA THR A 339 -2.80 16.46 -16.55
C THR A 339 -1.85 15.50 -17.26
N PHE A 340 -1.97 14.22 -16.93
CA PHE A 340 -1.10 13.26 -17.58
C PHE A 340 -1.34 13.21 -19.08
N LYS A 341 -2.58 13.42 -19.51
CA LYS A 341 -2.84 13.49 -20.94
C LYS A 341 -2.10 14.66 -21.57
N GLN A 342 -2.15 15.84 -20.93
CA GLN A 342 -1.41 17.00 -21.44
C GLN A 342 0.08 16.72 -21.48
N LEU A 343 0.62 16.07 -20.44
CA LEU A 343 2.04 15.74 -20.41
C LEU A 343 2.41 14.84 -21.59
N MET A 344 1.64 13.75 -21.80
CA MET A 344 1.97 12.80 -22.85
C MET A 344 1.69 13.36 -24.23
N GLN A 345 0.75 14.30 -24.35
CA GLN A 345 0.61 15.02 -25.60
C GLN A 345 1.89 15.78 -25.94
N ASP A 346 2.49 16.42 -24.94
CA ASP A 346 3.79 17.06 -25.15
C ASP A 346 4.89 16.05 -25.47
N ALA A 347 4.82 14.86 -24.88
CA ALA A 347 5.85 13.86 -25.18
C ALA A 347 5.81 13.49 -26.66
N ILE A 348 4.60 13.33 -27.19
CA ILE A 348 4.44 13.04 -28.61
C ILE A 348 4.98 14.19 -29.47
N LEU A 349 4.64 15.42 -29.11
CA LEU A 349 5.16 16.58 -29.84
C LEU A 349 6.67 16.59 -29.82
N LEU A 350 7.26 16.35 -28.66
CA LEU A 350 8.71 16.41 -28.56
C LEU A 350 9.34 15.30 -29.38
N ALA A 351 8.73 14.10 -29.40
CA ALA A 351 9.26 13.06 -30.27
C ALA A 351 9.13 13.47 -31.73
N LYS A 352 8.00 14.08 -32.09
CA LYS A 352 7.83 14.58 -33.46
C LYS A 352 8.92 15.60 -33.81
N ARG A 353 9.19 16.53 -32.88
CA ARG A 353 10.20 17.56 -33.12
C ARG A 353 11.60 17.00 -33.26
N ASN A 354 11.84 15.80 -32.74
CA ASN A 354 13.13 15.14 -32.90
C ASN A 354 13.11 14.10 -34.01
N ASN A 355 12.18 14.22 -34.96
CA ASN A 355 12.18 13.46 -36.21
C ASN A 355 11.80 11.98 -36.04
N PHE A 356 11.04 11.63 -34.99
CA PHE A 356 10.60 10.25 -34.84
C PHE A 356 9.34 9.97 -35.67
N ASP A 357 9.26 8.74 -36.20
CA ASP A 357 8.14 8.32 -37.05
C ASP A 357 6.92 7.87 -36.25
N VAL A 358 7.15 7.33 -35.05
CA VAL A 358 6.10 6.75 -34.24
C VAL A 358 6.53 6.85 -32.78
N PHE A 359 5.56 6.92 -31.88
CA PHE A 359 5.79 6.99 -30.45
C PHE A 359 5.15 5.76 -29.81
N ASN A 360 5.98 4.91 -29.20
CA ASN A 360 5.53 3.64 -28.62
C ASN A 360 5.49 3.72 -27.10
N ALA A 361 4.55 2.99 -26.52
CA ALA A 361 4.40 3.02 -25.07
C ALA A 361 3.72 1.75 -24.59
N LEU A 362 4.06 1.33 -23.38
CA LEU A 362 3.46 0.18 -22.73
C LEU A 362 2.34 0.64 -21.82
N GLU A 363 1.37 -0.24 -21.60
CA GLU A 363 0.29 0.05 -20.67
C GLU A 363 0.74 -0.08 -19.22
N VAL A 364 1.86 0.55 -18.87
CA VAL A 364 2.35 0.55 -17.49
C VAL A 364 2.19 1.95 -16.89
N MET A 365 2.37 2.04 -15.57
CA MET A 365 2.21 3.30 -14.84
C MET A 365 0.85 3.90 -15.22
N GLN A 366 0.78 5.20 -15.54
CA GLN A 366 -0.47 5.86 -15.91
C GLN A 366 -0.76 5.84 -17.40
N ASN A 367 0.02 5.10 -18.21
CA ASN A 367 -0.02 5.31 -19.66
C ASN A 367 -1.37 4.93 -20.27
N LYS A 368 -1.97 3.83 -19.83
CA LYS A 368 -3.16 3.32 -20.51
C LYS A 368 -4.31 4.32 -20.45
N SER A 369 -4.37 5.14 -19.40
CA SER A 369 -5.44 6.12 -19.25
C SER A 369 -5.46 7.18 -20.36
N VAL A 370 -4.37 7.36 -21.12
CA VAL A 370 -4.38 8.41 -22.15
C VAL A 370 -4.37 7.84 -23.56
N PHE A 371 -4.33 6.52 -23.73
CA PHE A 371 -4.12 5.95 -25.06
C PHE A 371 -5.26 6.26 -26.01
N GLU A 372 -6.50 6.15 -25.52
CA GLU A 372 -7.64 6.38 -26.40
C GLU A 372 -7.72 7.84 -26.82
N ASP A 373 -7.64 8.77 -25.87
CA ASP A 373 -7.77 10.20 -26.20
C ASP A 373 -6.62 10.67 -27.06
N LEU A 374 -5.40 10.13 -26.87
CA LEU A 374 -4.27 10.59 -27.65
C LEU A 374 -4.10 9.82 -28.95
N LYS A 375 -5.07 8.97 -29.31
CA LYS A 375 -5.12 8.30 -30.59
C LYS A 375 -3.97 7.29 -30.77
N PHE A 376 -3.56 6.66 -29.68
CA PHE A 376 -2.76 5.45 -29.77
C PHE A 376 -3.61 4.32 -30.36
N GLY A 377 -2.96 3.43 -31.08
CA GLY A 377 -3.56 2.17 -31.52
C GLY A 377 -2.95 1.00 -30.76
N GLU A 378 -3.77 0.01 -30.42
CA GLU A 378 -3.28 -1.17 -29.73
C GLU A 378 -2.41 -2.00 -30.67
N GLY A 379 -1.20 -2.35 -30.23
CA GLY A 379 -0.37 -3.25 -31.01
C GLY A 379 -0.91 -4.67 -30.97
N ASP A 380 -0.11 -5.61 -31.45
CA ASP A 380 -0.49 -7.02 -31.30
C ASP A 380 0.52 -7.83 -30.51
N GLU A 381 1.46 -7.19 -29.82
CA GLU A 381 2.41 -7.90 -28.97
C GLU A 381 2.41 -7.28 -27.59
N SER A 382 2.81 -8.08 -26.61
CA SER A 382 2.92 -7.59 -25.25
C SER A 382 4.28 -7.97 -24.68
N LEU A 383 4.67 -7.24 -23.64
CA LEU A 383 5.95 -7.44 -22.97
C LEU A 383 5.69 -8.02 -21.58
N LYS A 384 6.26 -9.19 -21.32
CA LYS A 384 6.06 -9.90 -20.06
C LYS A 384 7.21 -9.55 -19.11
N TYR A 385 6.87 -9.26 -17.86
CA TYR A 385 7.86 -8.97 -16.83
C TYR A 385 8.11 -10.21 -15.98
N TYR A 386 9.38 -10.49 -15.70
CA TYR A 386 9.79 -11.70 -15.03
C TYR A 386 10.78 -11.39 -13.92
N LEU A 387 10.67 -12.15 -12.81
CA LEU A 387 11.71 -12.19 -11.79
C LEU A 387 12.27 -13.60 -11.70
N TYR A 388 13.60 -13.69 -11.49
CA TYR A 388 14.28 -14.96 -11.26
C TYR A 388 14.53 -15.15 -9.77
N ASN A 389 14.20 -16.34 -9.25
CA ASN A 389 14.31 -16.69 -7.83
C ASN A 389 13.51 -15.74 -6.93
N TRP A 390 12.26 -15.50 -7.30
CA TRP A 390 11.39 -14.68 -6.47
C TRP A 390 9.94 -15.11 -6.68
N LYS A 391 9.21 -15.35 -5.59
CA LYS A 391 7.79 -15.67 -5.67
C LYS A 391 6.99 -14.61 -4.95
N CYS A 392 5.90 -14.18 -5.61
CA CYS A 392 5.10 -13.05 -5.18
C CYS A 392 3.82 -13.05 -6.01
N ALA A 393 2.87 -12.22 -5.61
CA ALA A 393 1.65 -12.08 -6.37
C ALA A 393 1.93 -11.37 -7.69
N SER A 394 1.25 -11.79 -8.75
CA SER A 394 1.25 -11.01 -9.99
C SER A 394 0.28 -9.84 -9.88
N PHE A 395 0.33 -8.95 -10.87
CA PHE A 395 -0.51 -7.75 -10.82
C PHE A 395 -0.69 -7.17 -12.22
N ALA A 396 -1.75 -6.35 -12.36
CA ALA A 396 -2.04 -5.66 -13.62
C ALA A 396 -0.90 -4.72 -13.98
N PRO A 397 -0.67 -4.47 -15.28
CA PRO A 397 0.49 -3.66 -15.67
C PRO A 397 0.41 -2.20 -15.21
N ALA A 398 -0.76 -1.67 -14.85
CA ALA A 398 -0.78 -0.31 -14.30
C ALA A 398 0.02 -0.21 -13.01
N HIS A 399 0.32 -1.34 -12.36
CA HIS A 399 1.15 -1.31 -11.15
C HIS A 399 2.63 -1.51 -11.45
N VAL A 400 2.99 -1.74 -12.72
CA VAL A 400 4.39 -1.82 -13.11
C VAL A 400 4.94 -0.40 -13.19
N GLY A 401 6.07 -0.18 -12.54
CA GLY A 401 6.69 1.14 -12.53
C GLY A 401 8.11 1.13 -13.05
N ILE A 402 8.39 0.25 -14.00
CA ILE A 402 9.73 0.15 -14.57
C ILE A 402 9.62 -0.17 -16.05
N VAL A 403 10.45 0.49 -16.85
CA VAL A 403 10.56 0.26 -18.28
C VAL A 403 11.99 -0.13 -18.55
N LEU A 404 12.19 -1.35 -19.02
CA LEU A 404 13.49 -1.88 -19.38
C LEU A 404 13.79 -1.61 -20.86
N LEU A 405 15.06 -1.54 -21.18
CA LEU A 405 15.47 -1.20 -22.54
C LEU A 405 15.31 -2.36 -23.54
N ASP B 22 -9.17 16.22 31.34
CA ASP B 22 -8.95 17.35 30.44
C ASP B 22 -7.67 17.18 29.61
N TYR B 23 -6.57 16.76 30.26
CA TYR B 23 -5.25 16.62 29.63
C TYR B 23 -4.80 17.92 28.97
N LYS B 24 -4.80 19.02 29.73
CA LYS B 24 -4.62 20.33 29.12
C LYS B 24 -3.25 20.44 28.47
N PHE B 25 -2.19 20.00 29.17
CA PHE B 25 -0.88 19.99 28.53
C PHE B 25 -0.80 18.96 27.41
N TRP B 26 -1.15 17.69 27.70
CA TRP B 26 -0.98 16.65 26.69
C TRP B 26 -1.76 16.92 25.41
N TYR B 27 -2.95 17.54 25.51
CA TYR B 27 -3.69 17.77 24.27
C TYR B 27 -3.05 18.82 23.37
N THR B 28 -2.05 19.55 23.84
CA THR B 28 -1.29 20.46 22.98
C THR B 28 -0.14 19.77 22.28
N GLN B 29 0.09 18.50 22.58
CA GLN B 29 1.27 17.76 22.13
C GLN B 29 0.91 16.81 20.99
N PRO B 30 1.88 16.48 20.11
CA PRO B 30 1.61 15.51 19.04
C PRO B 30 1.52 14.07 19.55
N VAL B 31 0.47 13.78 20.31
CA VAL B 31 0.15 12.43 20.79
C VAL B 31 -1.31 12.16 20.45
N PRO B 32 -1.72 10.89 20.45
CA PRO B 32 -3.12 10.59 20.14
C PRO B 32 -4.07 11.14 21.20
N LYS B 33 -5.25 11.56 20.75
CA LYS B 33 -6.34 11.85 21.67
C LYS B 33 -6.80 10.57 22.34
N ILE B 34 -7.42 10.73 23.51
CA ILE B 34 -7.75 9.59 24.35
C ILE B 34 -8.72 8.64 23.66
N ASN B 35 -9.43 9.09 22.62
CA ASN B 35 -10.38 8.25 21.91
C ASN B 35 -9.87 7.81 20.54
N ASP B 36 -8.62 8.12 20.21
CA ASP B 36 -8.08 7.83 18.88
C ASP B 36 -7.76 6.35 18.73
N GLU B 37 -8.17 5.78 17.59
CA GLU B 37 -7.74 4.46 17.16
C GLU B 37 -7.34 4.56 15.70
N PHE B 38 -6.31 3.82 15.32
CA PHE B 38 -5.78 3.91 13.97
C PHE B 38 -5.73 2.51 13.37
N ASN B 39 -5.95 2.45 12.05
CA ASN B 39 -5.97 1.13 11.44
C ASN B 39 -4.54 0.62 11.25
N GLU B 40 -4.45 -0.63 10.79
CA GLU B 40 -3.17 -1.34 10.72
C GLU B 40 -2.17 -0.66 9.80
N SER B 41 -2.64 0.13 8.84
CA SER B 41 -1.75 0.72 7.85
C SER B 41 -1.17 2.07 8.25
N VAL B 42 -1.72 2.71 9.28
CA VAL B 42 -1.18 4.00 9.73
C VAL B 42 0.10 3.75 10.51
N ASN B 43 1.21 4.36 10.05
CA ASN B 43 2.49 4.21 10.75
C ASN B 43 3.36 5.41 10.35
N GLU B 44 3.21 6.53 11.08
CA GLU B 44 3.85 7.77 10.66
C GLU B 44 3.78 8.84 11.74
N PRO B 45 4.55 9.93 11.64
CA PRO B 45 4.46 10.99 12.66
C PRO B 45 3.13 11.73 12.60
N PHE B 46 2.82 12.40 13.72
CA PHE B 46 1.77 13.42 13.67
C PHE B 46 2.25 14.64 12.92
N ILE B 47 3.51 15.03 13.13
CA ILE B 47 4.10 16.23 12.55
C ILE B 47 5.41 15.81 11.90
N SER B 48 5.50 15.95 10.57
CA SER B 48 6.69 15.66 9.79
CA SER B 48 6.71 15.67 9.82
C SER B 48 7.31 16.96 9.29
N ASP B 49 8.41 16.83 8.54
CA ASP B 49 9.07 17.98 7.92
C ASP B 49 9.53 18.99 8.97
N ASN B 50 10.02 18.50 10.10
CA ASN B 50 10.53 19.35 11.15
C ASN B 50 11.92 19.87 10.77
N LYS B 51 12.27 21.04 11.30
CA LYS B 51 13.50 21.73 10.93
C LYS B 51 14.29 22.10 12.17
N VAL B 52 15.53 21.61 12.25
CA VAL B 52 16.40 21.92 13.39
C VAL B 52 16.60 23.42 13.53
N GLU B 53 16.68 24.14 12.42
CA GLU B 53 16.95 25.57 12.50
C GLU B 53 15.80 26.36 13.12
N ASP B 54 14.60 25.78 13.19
CA ASP B 54 13.46 26.50 13.77
C ASP B 54 13.25 26.18 15.25
N VAL B 55 14.01 25.23 15.80
CA VAL B 55 13.84 24.85 17.20
C VAL B 55 14.20 26.02 18.10
N ARG B 56 13.37 26.26 19.10
CA ARG B 56 13.65 27.25 20.14
C ARG B 56 15.07 27.07 20.68
N LYS B 57 15.84 28.15 20.62
CA LYS B 57 17.21 28.15 21.13
C LYS B 57 17.30 28.54 22.60
N ASP B 58 16.21 29.02 23.19
CA ASP B 58 16.19 29.48 24.57
C ASP B 58 15.62 28.43 25.51
N GLU B 59 16.29 28.23 26.65
CA GLU B 59 15.75 27.33 27.66
C GLU B 59 14.37 27.79 28.11
N TYR B 60 13.49 26.83 28.36
CA TYR B 60 12.17 27.17 28.87
C TYR B 60 12.30 27.83 30.24
N LYS B 61 11.34 28.71 30.54
CA LYS B 61 11.38 29.49 31.77
C LYS B 61 10.88 28.69 32.97
N LEU B 62 11.59 28.82 34.09
CA LEU B 62 11.27 28.24 35.38
C LEU B 62 10.75 29.29 36.36
N PRO B 63 10.06 28.88 37.42
CA PRO B 63 9.57 29.86 38.41
C PRO B 63 10.71 30.57 39.12
N PRO B 64 10.42 31.70 39.77
CA PRO B 64 11.49 32.48 40.42
C PRO B 64 12.30 31.64 41.41
N GLY B 65 13.61 31.65 41.23
CA GLY B 65 14.51 30.94 42.12
C GLY B 65 14.90 29.54 41.72
N TYR B 66 14.39 29.03 40.61
CA TYR B 66 14.75 27.72 40.10
C TYR B 66 15.60 27.88 38.85
N SER B 67 16.57 26.99 38.65
CA SER B 67 17.49 27.10 37.52
CA SER B 67 17.50 27.10 37.53
C SER B 67 17.72 25.72 36.93
N TRP B 68 17.94 25.71 35.61
CA TRP B 68 18.35 24.49 34.92
C TRP B 68 19.76 24.10 35.37
N TYR B 69 20.01 22.79 35.44
CA TYR B 69 21.31 22.30 35.86
C TYR B 69 21.80 21.21 34.93
N VAL B 70 23.10 21.22 34.63
CA VAL B 70 23.71 20.24 33.73
C VAL B 70 24.19 19.10 34.61
N CYS B 71 23.44 18.01 34.62
CA CYS B 71 23.80 16.85 35.43
C CYS B 71 24.90 16.05 34.75
N ASP B 72 26.04 15.90 35.43
CA ASP B 72 27.16 15.10 34.95
C ASP B 72 27.06 13.76 35.68
N VAL B 73 26.42 12.79 35.03
CA VAL B 73 26.17 11.53 35.71
CA VAL B 73 26.16 11.50 35.65
C VAL B 73 27.46 10.76 35.96
N LYS B 74 28.51 11.03 35.17
CA LYS B 74 29.79 10.40 35.48
C LYS B 74 30.46 11.04 36.67
N ASP B 75 29.96 12.19 37.14
CA ASP B 75 30.48 12.81 38.34
C ASP B 75 29.78 12.23 39.57
N GLU B 76 30.58 11.81 40.56
CA GLU B 76 30.05 11.08 41.71
C GLU B 76 29.08 11.94 42.52
N LYS B 77 29.37 13.23 42.66
CA LYS B 77 28.50 14.10 43.44
C LYS B 77 27.17 14.34 42.72
N ASP B 78 27.22 14.76 41.44
CA ASP B 78 25.99 14.92 40.67
C ASP B 78 25.17 13.63 40.68
N ARG B 79 25.85 12.49 40.51
CA ARG B 79 25.12 11.24 40.41
C ARG B 79 24.42 10.91 41.72
N SER B 80 25.07 11.19 42.85
CA SER B 80 24.43 10.93 44.13
C SER B 80 23.29 11.90 44.40
N GLU B 81 23.35 13.12 43.83
CA GLU B 81 22.21 14.02 43.97
C GLU B 81 21.00 13.49 43.23
N ILE B 82 21.21 12.99 42.00
CA ILE B 82 20.12 12.36 41.25
C ILE B 82 19.59 11.15 42.02
N TYR B 83 20.51 10.32 42.52
CA TYR B 83 20.14 9.15 43.31
C TYR B 83 19.19 9.51 44.45
N THR B 84 19.57 10.52 45.25
CA THR B 84 18.77 10.85 46.43
C THR B 84 17.43 11.44 46.03
N LEU B 85 17.41 12.27 44.99
CA LEU B 85 16.14 12.81 44.50
C LEU B 85 15.17 11.69 44.15
N LEU B 86 15.62 10.74 43.33
CA LEU B 86 14.76 9.64 42.91
C LEU B 86 14.38 8.74 44.09
N THR B 87 15.34 8.45 44.98
CA THR B 87 15.04 7.59 46.13
C THR B 87 13.95 8.19 47.00
N ASP B 88 13.92 9.51 47.14
CA ASP B 88 12.95 10.16 48.00
C ASP B 88 11.63 10.46 47.30
N ASN B 89 11.64 10.69 45.99
CA ASN B 89 10.51 11.28 45.30
C ASN B 89 10.06 10.57 44.04
N TYR B 90 10.65 9.43 43.67
CA TYR B 90 10.27 8.83 42.39
C TYR B 90 9.02 7.97 42.55
N VAL B 91 8.93 6.86 41.82
CA VAL B 91 7.68 6.13 41.66
C VAL B 91 7.33 5.41 42.96
N GLU B 92 6.11 5.61 43.43
CA GLU B 92 5.54 4.86 44.55
C GLU B 92 4.29 4.16 44.08
N ASP B 93 4.09 2.91 44.54
CA ASP B 93 2.94 2.14 44.11
C ASP B 93 1.64 2.81 44.55
N ASP B 94 0.52 2.28 44.05
CA ASP B 94 -0.78 2.90 44.31
C ASP B 94 -1.10 2.97 45.80
N ASP B 95 -0.60 2.00 46.58
CA ASP B 95 -0.81 1.97 48.03
C ASP B 95 0.35 2.57 48.81
N ASN B 96 1.33 3.16 48.13
CA ASN B 96 2.41 3.93 48.77
C ASN B 96 3.12 3.13 49.86
N ILE B 97 3.49 1.90 49.53
CA ILE B 97 4.23 1.05 50.44
C ILE B 97 5.66 0.79 49.97
N PHE B 98 5.89 0.72 48.66
CA PHE B 98 7.22 0.53 48.10
C PHE B 98 7.55 1.72 47.21
N ARG B 99 8.81 2.11 47.21
CA ARG B 99 9.31 3.12 46.30
C ARG B 99 10.55 2.57 45.62
N PHE B 100 10.62 2.72 44.29
CA PHE B 100 11.79 2.34 43.53
C PHE B 100 13.04 2.97 44.12
N ASN B 101 14.11 2.18 44.21
CA ASN B 101 15.36 2.63 44.77
C ASN B 101 16.48 2.32 43.76
N TYR B 102 16.42 2.96 42.59
CA TYR B 102 17.51 2.83 41.61
C TYR B 102 18.84 3.19 42.28
N SER B 103 19.82 2.30 42.18
CA SER B 103 21.11 2.60 42.77
C SER B 103 21.87 3.60 41.90
N ALA B 104 22.87 4.25 42.52
CA ALA B 104 23.78 5.12 41.77
C ALA B 104 24.46 4.36 40.61
N GLU B 105 24.88 3.11 40.85
CA GLU B 105 25.51 2.34 39.78
C GLU B 105 24.53 2.03 38.67
N PHE B 106 23.28 1.70 39.03
CA PHE B 106 22.23 1.51 38.03
C PHE B 106 22.03 2.77 37.20
N LEU B 107 21.95 3.93 37.85
CA LEU B 107 21.76 5.17 37.10
C LEU B 107 22.92 5.41 36.15
N LEU B 108 24.16 5.18 36.60
CA LEU B 108 25.30 5.34 35.71
C LEU B 108 25.14 4.47 34.47
N TRP B 109 24.73 3.21 34.66
CA TRP B 109 24.53 2.28 33.54
C TRP B 109 23.37 2.71 32.64
N ALA B 110 22.23 3.07 33.23
CA ALA B 110 21.05 3.44 32.43
C ALA B 110 21.27 4.68 31.58
N LEU B 111 22.18 5.56 31.99
CA LEU B 111 22.24 6.89 31.40
C LEU B 111 23.46 7.11 30.51
N THR B 112 24.42 6.21 30.49
CA THR B 112 25.63 6.40 29.71
C THR B 112 25.76 5.34 28.62
N SER B 113 24.63 4.93 28.04
CA SER B 113 24.61 4.02 26.90
C SER B 113 25.35 4.63 25.72
N PRO B 114 25.67 3.84 24.68
CA PRO B 114 26.49 4.38 23.59
C PRO B 114 25.89 5.64 22.98
N ASN B 115 26.73 6.64 22.78
CA ASN B 115 26.38 7.89 22.10
C ASN B 115 25.39 8.74 22.86
N TYR B 116 25.28 8.51 24.18
CA TYR B 116 24.41 9.34 25.00
C TYR B 116 24.86 10.80 24.95
N LEU B 117 23.94 11.71 25.26
CA LEU B 117 24.20 13.14 25.26
CA LEU B 117 24.21 13.14 25.26
C LEU B 117 24.06 13.69 26.66
N LYS B 118 25.08 14.42 27.14
CA LYS B 118 24.95 15.03 28.45
C LYS B 118 23.88 16.11 28.47
N THR B 119 23.61 16.77 27.33
CA THR B 119 22.55 17.78 27.28
C THR B 119 21.18 17.19 27.59
N TRP B 120 21.03 15.87 27.49
CA TRP B 120 19.76 15.21 27.76
C TRP B 120 19.67 14.68 29.19
N HIS B 121 20.60 15.04 30.07
CA HIS B 121 20.53 14.68 31.48
C HIS B 121 20.23 15.98 32.21
N ILE B 122 18.95 16.25 32.42
CA ILE B 122 18.48 17.59 32.74
C ILE B 122 18.09 17.65 34.21
N GLY B 123 18.77 18.51 34.97
CA GLY B 123 18.40 18.78 36.33
C GLY B 123 17.72 20.12 36.50
N VAL B 124 17.01 20.26 37.61
CA VAL B 124 16.48 21.54 38.07
C VAL B 124 16.85 21.70 39.52
N LYS B 125 17.45 22.84 39.86
CA LYS B 125 17.88 23.12 41.22
C LYS B 125 17.09 24.29 41.77
N TYR B 126 16.88 24.27 43.09
CA TYR B 126 16.35 25.44 43.78
C TYR B 126 17.54 26.26 44.26
N ASP B 127 17.65 27.51 43.77
CA ASP B 127 18.82 28.33 44.03
C ASP B 127 19.04 28.56 45.52
N ALA B 128 17.97 28.67 46.30
CA ALA B 128 18.12 28.94 47.73
C ALA B 128 18.88 27.84 48.45
N SER B 129 18.78 26.60 47.96
CA SER B 129 19.35 25.47 48.65
C SER B 129 20.45 24.75 47.88
N ASN B 130 20.57 25.01 46.57
CA ASN B 130 21.48 24.26 45.71
C ASN B 130 21.15 22.76 45.75
N LYS B 131 19.87 22.45 45.95
CA LYS B 131 19.39 21.07 45.96
C LYS B 131 18.65 20.81 44.65
N LEU B 132 18.89 19.64 44.09
CA LEU B 132 18.18 19.19 42.89
C LEU B 132 16.74 18.88 43.26
N ILE B 133 15.78 19.55 42.63
CA ILE B 133 14.38 19.30 42.93
C ILE B 133 13.63 18.68 41.75
N GLY B 134 14.28 18.53 40.61
CA GLY B 134 13.65 17.89 39.46
C GLY B 134 14.70 17.34 38.54
N PHE B 135 14.27 16.43 37.67
CA PHE B 135 15.16 15.69 36.79
C PHE B 135 14.32 15.08 35.67
N ILE B 136 14.93 15.01 34.50
CA ILE B 136 14.38 14.23 33.39
C ILE B 136 15.57 13.86 32.50
N SER B 137 15.46 12.71 31.83
CA SER B 137 16.60 12.23 31.06
C SER B 137 16.11 11.51 29.82
N ALA B 138 17.02 11.35 28.87
CA ALA B 138 16.75 10.57 27.67
C ALA B 138 18.07 10.00 27.18
N ILE B 139 17.99 8.85 26.50
CA ILE B 139 19.13 8.28 25.79
C ILE B 139 18.68 8.00 24.36
N PRO B 140 19.60 8.06 23.38
CA PRO B 140 19.19 7.86 21.99
C PRO B 140 19.14 6.38 21.65
N THR B 141 18.12 6.00 20.89
CA THR B 141 18.05 4.62 20.48
C THR B 141 17.25 4.50 19.19
N ASP B 142 17.59 3.47 18.42
CA ASP B 142 16.85 3.13 17.21
CA ASP B 142 16.85 3.13 17.21
C ASP B 142 15.67 2.24 17.57
N ILE B 143 14.47 2.69 17.24
CA ILE B 143 13.25 1.97 17.59
C ILE B 143 12.54 1.54 16.31
N CYS B 144 12.28 0.24 16.19
CA CYS B 144 11.52 -0.31 15.07
C CYS B 144 10.06 -0.47 15.50
N ILE B 145 9.18 0.34 14.92
CA ILE B 145 7.76 0.35 15.28
C ILE B 145 6.98 -0.07 14.04
N HIS B 146 6.26 -1.19 14.14
CA HIS B 146 5.54 -1.75 13.01
C HIS B 146 6.45 -1.85 11.79
N LYS B 147 7.62 -2.45 12.02
CA LYS B 147 8.63 -2.73 11.01
C LYS B 147 9.30 -1.49 10.43
N ARG B 148 9.10 -0.31 11.03
CA ARG B 148 9.75 0.91 10.56
C ARG B 148 10.72 1.41 11.63
N THR B 149 11.99 1.57 11.26
CA THR B 149 13.02 1.97 12.23
C THR B 149 13.18 3.48 12.23
N ILE B 150 13.10 4.08 13.41
CA ILE B 150 13.16 5.54 13.59
C ILE B 150 14.18 5.85 14.69
N LYS B 151 15.02 6.86 14.46
CA LYS B 151 15.87 7.37 15.53
C LYS B 151 14.99 8.05 16.58
N MET B 152 15.02 7.56 17.80
CA MET B 152 14.18 8.09 18.86
C MET B 152 14.98 8.43 20.10
N ALA B 153 14.33 9.17 20.98
CA ALA B 153 14.80 9.38 22.35
C ALA B 153 14.01 8.49 23.30
N GLU B 154 14.70 7.80 24.19
CA GLU B 154 14.06 7.00 25.22
C GLU B 154 14.07 7.82 26.49
N VAL B 155 12.89 8.30 26.91
CA VAL B 155 12.81 9.27 28.00
C VAL B 155 12.53 8.54 29.31
N ASN B 156 13.30 8.86 30.34
CA ASN B 156 13.11 8.16 31.61
C ASN B 156 13.45 9.08 32.77
N PHE B 157 12.98 8.67 33.96
CA PHE B 157 13.37 9.26 35.22
C PHE B 157 12.83 10.67 35.43
N LEU B 158 11.66 10.96 34.84
CA LEU B 158 10.97 12.23 35.13
C LEU B 158 10.60 12.28 36.60
N CYS B 159 11.10 13.29 37.31
CA CYS B 159 10.84 13.31 38.74
C CYS B 159 10.81 14.75 39.25
N VAL B 160 9.77 15.09 39.98
CA VAL B 160 9.68 16.37 40.68
C VAL B 160 9.58 16.09 42.17
N HIS B 161 10.29 16.88 42.96
CA HIS B 161 10.24 16.75 44.42
C HIS B 161 8.80 16.74 44.91
N LYS B 162 8.54 15.89 45.92
CA LYS B 162 7.19 15.74 46.47
C LYS B 162 6.59 17.08 46.90
N THR B 163 7.41 17.96 47.47
CA THR B 163 6.90 19.24 47.97
C THR B 163 6.54 20.22 46.87
N LEU B 164 6.84 19.90 45.61
CA LEU B 164 6.55 20.81 44.51
C LEU B 164 5.56 20.22 43.51
N ARG B 165 4.77 19.24 43.95
CA ARG B 165 3.80 18.61 43.06
C ARG B 165 2.71 19.61 42.67
N SER B 166 2.09 19.34 41.51
CA SER B 166 0.99 20.15 40.98
C SER B 166 1.32 21.65 40.96
N LYS B 167 2.62 21.97 40.98
CA LYS B 167 3.14 23.27 40.58
C LYS B 167 3.40 23.35 39.07
N ARG B 168 3.00 22.31 38.33
CA ARG B 168 3.09 22.24 36.86
C ARG B 168 4.53 22.26 36.35
N LEU B 169 5.48 21.72 37.11
CA LEU B 169 6.85 21.66 36.61
C LEU B 169 7.08 20.55 35.60
N ALA B 170 6.33 19.45 35.68
CA ALA B 170 6.57 18.33 34.76
C ALA B 170 6.40 18.73 33.29
N PRO B 171 5.36 19.47 32.89
CA PRO B 171 5.33 19.95 31.50
C PRO B 171 6.53 20.80 31.12
N VAL B 172 7.08 21.59 32.04
CA VAL B 172 8.26 22.37 31.72
C VAL B 172 9.46 21.46 31.47
N LEU B 173 9.63 20.44 32.31
CA LEU B 173 10.70 19.48 32.07
CA LEU B 173 10.70 19.48 32.07
C LEU B 173 10.51 18.79 30.73
N ILE B 174 9.28 18.42 30.40
CA ILE B 174 9.01 17.68 29.17
C ILE B 174 9.28 18.58 27.97
N LYS B 175 8.80 19.82 28.02
CA LYS B 175 9.05 20.74 26.90
C LYS B 175 10.54 21.00 26.74
N GLU B 176 11.28 21.09 27.84
CA GLU B 176 12.71 21.43 27.70
C GLU B 176 13.49 20.25 27.12
N ILE B 177 13.23 19.02 27.55
CA ILE B 177 14.00 17.93 26.95
C ILE B 177 13.56 17.69 25.50
N THR B 178 12.27 17.89 25.20
CA THR B 178 11.83 17.85 23.79
C THR B 178 12.65 18.82 22.94
N ARG B 179 12.84 20.04 23.44
CA ARG B 179 13.63 21.03 22.71
C ARG B 179 15.05 20.51 22.48
N ARG B 180 15.69 19.98 23.53
CA ARG B 180 17.07 19.56 23.38
C ARG B 180 17.19 18.30 22.51
N ILE B 181 16.15 17.46 22.51
CA ILE B 181 16.13 16.33 21.57
C ILE B 181 15.93 16.83 20.15
N ASN B 182 15.04 17.82 19.95
CA ASN B 182 14.82 18.39 18.62
C ASN B 182 16.09 19.02 18.06
N LEU B 183 16.95 19.55 18.93
CA LEU B 183 18.20 20.08 18.41
C LEU B 183 19.13 19.01 17.87
N GLU B 184 18.86 17.73 18.15
CA GLU B 184 19.58 16.62 17.55
C GLU B 184 18.88 16.05 16.33
N ASN B 185 17.92 16.79 15.76
CA ASN B 185 17.16 16.34 14.59
C ASN B 185 16.47 15.02 14.88
N ILE B 186 16.01 14.86 16.11
CA ILE B 186 15.21 13.71 16.51
C ILE B 186 13.85 14.24 16.94
N TRP B 187 12.77 13.61 16.47
CA TRP B 187 11.43 14.15 16.60
C TRP B 187 10.45 13.15 17.18
N GLN B 188 10.92 11.97 17.58
CA GLN B 188 10.10 10.91 18.16
C GLN B 188 10.72 10.47 19.47
N ALA B 189 9.88 9.93 20.36
CA ALA B 189 10.36 9.43 21.63
C ALA B 189 9.55 8.21 22.05
N ILE B 190 10.17 7.37 22.87
CA ILE B 190 9.52 6.23 23.49
C ILE B 190 9.65 6.40 25.00
N TYR B 191 8.58 6.08 25.72
CA TYR B 191 8.61 6.16 27.17
C TYR B 191 7.52 5.26 27.73
N THR B 192 7.69 4.89 29.00
CA THR B 192 6.74 4.05 29.71
C THR B 192 6.28 4.77 30.97
N ALA B 193 5.11 4.40 31.46
CA ALA B 193 4.67 4.90 32.75
C ALA B 193 3.59 3.99 33.31
N GLY B 194 3.42 4.05 34.64
CA GLY B 194 2.34 3.34 35.28
C GLY B 194 1.01 4.03 35.18
N VAL B 195 1.01 5.34 34.94
CA VAL B 195 -0.21 6.13 34.85
C VAL B 195 -0.72 6.14 33.42
N TYR B 196 -2.04 6.27 33.28
CA TYR B 196 -2.71 6.25 31.99
C TYR B 196 -2.70 7.67 31.41
N LEU B 197 -2.04 7.84 30.29
CA LEU B 197 -1.89 9.11 29.58
C LEU B 197 -2.32 8.90 28.14
N PRO B 198 -2.52 9.97 27.37
CA PRO B 198 -2.80 9.81 25.93
C PRO B 198 -1.51 9.52 25.17
N LYS B 199 -1.45 8.38 24.47
CA LYS B 199 -2.35 7.24 24.62
C LYS B 199 -1.48 6.00 24.39
N PRO B 200 -1.63 4.95 25.20
CA PRO B 200 -0.69 3.83 25.10
C PRO B 200 -0.70 3.19 23.74
N VAL B 201 0.49 2.84 23.24
CA VAL B 201 0.57 1.93 22.10
CA VAL B 201 0.57 1.94 22.11
C VAL B 201 0.40 0.49 22.54
N SER B 202 0.68 0.19 23.81
CA SER B 202 0.44 -1.13 24.36
C SER B 202 0.41 -1.03 25.88
N ASP B 203 -0.21 -2.03 26.51
CA ASP B 203 -0.33 -2.09 27.96
C ASP B 203 0.07 -3.48 28.43
N ALA B 204 1.00 -3.56 29.38
CA ALA B 204 1.56 -4.84 29.83
C ALA B 204 1.43 -4.96 31.34
N ARG B 205 0.60 -5.90 31.80
CA ARG B 205 0.50 -6.18 33.23
C ARG B 205 1.83 -6.69 33.78
N TYR B 206 2.12 -6.34 35.03
CA TYR B 206 3.21 -6.97 35.77
C TYR B 206 2.76 -8.29 36.40
N TYR B 207 3.68 -9.26 36.43
CA TYR B 207 3.53 -10.52 37.16
C TYR B 207 4.73 -10.73 38.07
N HIS B 208 4.54 -11.48 39.15
CA HIS B 208 5.56 -11.63 40.19
C HIS B 208 5.69 -13.09 40.60
N ARG B 209 6.93 -13.56 40.70
CA ARG B 209 7.24 -14.88 41.23
C ARG B 209 7.95 -14.71 42.57
N SER B 210 7.29 -15.10 43.64
CA SER B 210 7.88 -15.04 44.97
C SER B 210 9.06 -16.01 45.08
N ILE B 211 10.15 -15.54 45.67
CA ILE B 211 11.31 -16.38 45.96
C ILE B 211 11.54 -16.51 47.46
N ASN B 212 11.64 -15.38 48.17
CA ASN B 212 11.73 -15.36 49.64
CA ASN B 212 11.73 -15.39 49.63
C ASN B 212 10.33 -15.14 50.18
N VAL B 213 9.58 -16.25 50.30
CA VAL B 213 8.15 -16.18 50.61
C VAL B 213 7.92 -15.55 51.97
N LYS B 214 8.70 -15.95 52.98
CA LYS B 214 8.50 -15.42 54.33
C LYS B 214 8.58 -13.90 54.35
N LYS B 215 9.65 -13.34 53.78
CA LYS B 215 9.78 -11.88 53.73
C LYS B 215 8.64 -11.23 52.97
N LEU B 216 8.27 -11.79 51.81
CA LEU B 216 7.22 -11.17 50.99
C LEU B 216 5.89 -11.12 51.74
N ILE B 217 5.60 -12.16 52.53
CA ILE B 217 4.38 -12.14 53.33
C ILE B 217 4.44 -11.05 54.37
N GLU B 218 5.54 -11.00 55.15
CA GLU B 218 5.69 -10.03 56.22
C GLU B 218 5.45 -8.59 55.75
N ILE B 219 5.89 -8.26 54.53
CA ILE B 219 5.92 -6.86 54.10
C ILE B 219 4.68 -6.44 53.31
N GLY B 220 3.76 -7.36 53.00
CA GLY B 220 2.55 -6.98 52.31
C GLY B 220 2.66 -6.91 50.80
N PHE B 221 3.56 -7.68 50.20
CA PHE B 221 3.68 -7.73 48.75
C PHE B 221 2.58 -8.59 48.14
N LEU B 236 3.08 -22.70 49.44
CA LEU B 236 4.48 -22.51 49.05
C LEU B 236 5.22 -23.85 48.92
N TYR B 237 6.17 -23.90 47.98
CA TYR B 237 6.92 -25.13 47.70
C TYR B 237 8.39 -24.78 47.43
N ARG B 238 9.19 -25.80 47.10
CA ARG B 238 10.65 -25.73 47.16
C ARG B 238 11.27 -25.73 45.76
N VAL B 239 12.19 -24.79 45.53
CA VAL B 239 12.87 -24.61 44.24
C VAL B 239 14.08 -25.52 44.15
N GLU B 240 14.19 -26.28 43.07
CA GLU B 240 15.31 -27.20 42.88
C GLU B 240 16.54 -26.43 42.39
N ASP B 241 17.67 -26.65 43.05
CA ASP B 241 18.90 -25.90 42.76
C ASP B 241 19.70 -26.54 41.63
N THR B 242 19.03 -26.91 40.55
CA THR B 242 19.71 -27.46 39.40
C THR B 242 19.12 -26.86 38.13
N LEU B 243 20.00 -26.37 37.26
CA LEU B 243 19.56 -25.72 36.03
C LEU B 243 19.04 -26.73 35.02
N ASN B 244 18.02 -26.32 34.27
CA ASN B 244 17.57 -27.11 33.12
C ASN B 244 18.62 -27.08 32.00
N ILE B 245 19.27 -25.94 31.81
CA ILE B 245 20.30 -25.74 30.81
C ILE B 245 21.63 -25.66 31.57
N LYS B 246 22.34 -26.79 31.67
CA LYS B 246 23.35 -26.95 32.71
C LYS B 246 24.52 -26.00 32.54
N ASN B 247 24.83 -25.58 31.31
CA ASN B 247 26.01 -24.75 31.07
C ASN B 247 25.69 -23.26 31.01
N MET B 248 24.49 -22.85 31.45
CA MET B 248 24.22 -21.42 31.57
C MET B 248 25.28 -20.77 32.44
N ARG B 249 25.93 -19.73 31.90
CA ARG B 249 27.04 -19.10 32.60
C ARG B 249 27.00 -17.60 32.33
N LEU B 250 27.57 -16.84 33.27
CA LEU B 250 27.68 -15.40 33.12
C LEU B 250 28.30 -15.03 31.79
N MET B 251 27.71 -14.03 31.13
CA MET B 251 28.21 -13.51 29.87
C MET B 251 29.57 -12.83 30.03
N LYS B 252 30.42 -12.99 29.02
CA LYS B 252 31.75 -12.42 28.94
C LYS B 252 31.85 -11.63 27.65
N LYS B 253 32.95 -10.86 27.51
CA LYS B 253 33.07 -9.97 26.36
C LYS B 253 33.10 -10.76 25.05
N LYS B 254 33.79 -11.90 25.02
CA LYS B 254 33.82 -12.71 23.80
C LYS B 254 32.42 -13.12 23.34
N ASP B 255 31.42 -13.07 24.23
CA ASP B 255 30.06 -13.49 23.89
C ASP B 255 29.26 -12.40 23.17
N VAL B 256 29.76 -11.17 23.10
CA VAL B 256 28.96 -10.04 22.62
C VAL B 256 28.43 -10.31 21.21
N GLU B 257 29.31 -10.73 20.30
CA GLU B 257 28.90 -10.99 18.93
C GLU B 257 27.78 -12.02 18.88
N GLY B 258 27.92 -13.09 19.67
CA GLY B 258 26.89 -14.12 19.68
C GLY B 258 25.57 -13.64 20.23
N VAL B 259 25.61 -12.95 21.37
CA VAL B 259 24.37 -12.39 21.92
C VAL B 259 23.74 -11.43 20.92
N HIS B 260 24.54 -10.60 20.27
CA HIS B 260 24.03 -9.66 19.27
C HIS B 260 23.25 -10.39 18.18
N LYS B 261 23.85 -11.46 17.63
CA LYS B 261 23.18 -12.26 16.59
C LYS B 261 21.90 -12.89 17.12
N LEU B 262 21.98 -13.53 18.30
CA LEU B 262 20.83 -14.27 18.83
C LEU B 262 19.67 -13.34 19.16
N LEU B 263 19.94 -12.30 19.96
CA LEU B 263 18.86 -11.40 20.36
C LEU B 263 18.41 -10.54 19.18
N GLY B 264 19.34 -10.18 18.29
CA GLY B 264 18.97 -9.35 17.16
C GLY B 264 17.95 -10.00 16.25
N SER B 265 18.22 -11.26 15.86
CA SER B 265 17.27 -12.01 15.05
C SER B 265 15.97 -12.25 15.82
N TYR B 266 16.08 -12.50 17.12
CA TYR B 266 14.90 -12.78 17.92
C TYR B 266 13.92 -11.60 17.96
N LEU B 267 14.44 -10.38 18.08
CA LEU B 267 13.57 -9.24 18.32
C LEU B 267 12.79 -8.81 17.07
N GLU B 268 13.22 -9.21 15.87
CA GLU B 268 12.61 -8.71 14.65
C GLU B 268 11.17 -9.19 14.47
N GLN B 269 10.71 -10.16 15.24
CA GLN B 269 9.34 -10.65 15.14
C GLN B 269 8.32 -9.70 15.75
N PHE B 270 8.75 -8.74 16.57
CA PHE B 270 7.82 -7.97 17.38
C PHE B 270 7.43 -6.65 16.70
N ASN B 271 6.39 -6.04 17.23
CA ASN B 271 5.87 -4.80 16.65
C ASN B 271 6.58 -3.56 17.15
N LEU B 272 7.38 -3.71 18.21
CA LEU B 272 8.04 -2.61 18.89
C LEU B 272 9.29 -3.17 19.55
N TYR B 273 10.47 -2.76 19.06
CA TYR B 273 11.71 -3.23 19.66
C TYR B 273 12.84 -2.28 19.32
N ALA B 274 13.86 -2.25 20.17
CA ALA B 274 15.05 -1.48 19.88
C ALA B 274 15.97 -2.28 18.98
N VAL B 275 16.58 -1.59 18.01
CA VAL B 275 17.52 -2.21 17.08
C VAL B 275 18.92 -1.99 17.65
N PHE B 276 19.48 -3.02 18.28
CA PHE B 276 20.73 -2.89 19.02
C PHE B 276 21.95 -3.06 18.11
N THR B 277 22.90 -2.13 18.23
CA THR B 277 24.21 -2.33 17.63
C THR B 277 25.02 -3.28 18.49
N LYS B 278 26.17 -3.70 17.97
CA LYS B 278 27.09 -4.51 18.79
C LYS B 278 27.50 -3.74 20.04
N GLU B 279 27.82 -2.45 19.88
CA GLU B 279 28.21 -1.62 21.01
CA GLU B 279 28.17 -1.56 20.98
C GLU B 279 27.09 -1.56 22.05
N GLU B 280 25.83 -1.54 21.61
CA GLU B 280 24.72 -1.50 22.54
C GLU B 280 24.54 -2.84 23.26
N ILE B 281 24.75 -3.95 22.55
CA ILE B 281 24.70 -5.26 23.21
C ILE B 281 25.72 -5.31 24.35
N ALA B 282 26.96 -4.89 24.08
CA ALA B 282 27.96 -4.94 25.15
C ALA B 282 27.55 -4.08 26.33
N HIS B 283 27.00 -2.89 26.06
CA HIS B 283 26.61 -2.01 27.15
C HIS B 283 25.43 -2.57 27.93
N TRP B 284 24.39 -3.01 27.22
CA TRP B 284 23.16 -3.37 27.94
C TRP B 284 23.23 -4.74 28.60
N PHE B 285 24.16 -5.60 28.18
CA PHE B 285 24.11 -6.99 28.65
C PHE B 285 25.33 -7.48 29.40
N LEU B 286 26.50 -6.87 29.26
CA LEU B 286 27.63 -7.40 30.01
C LEU B 286 27.40 -7.18 31.50
N PRO B 287 27.65 -8.19 32.33
CA PRO B 287 27.19 -8.13 33.72
C PRO B 287 27.89 -7.06 34.55
N ILE B 288 27.09 -6.36 35.35
CA ILE B 288 27.56 -5.49 36.41
C ILE B 288 26.84 -5.95 37.66
N GLU B 289 27.61 -6.33 38.69
CA GLU B 289 27.03 -6.85 39.92
C GLU B 289 26.01 -5.87 40.49
N ASN B 290 24.84 -6.40 40.88
CA ASN B 290 23.72 -5.65 41.44
C ASN B 290 23.15 -4.60 40.48
N VAL B 291 23.36 -4.79 39.18
CA VAL B 291 22.78 -3.91 38.18
C VAL B 291 22.14 -4.76 37.09
N ILE B 292 22.97 -5.50 36.35
CA ILE B 292 22.51 -6.27 35.20
C ILE B 292 23.19 -7.64 35.23
N TYR B 293 22.39 -8.68 35.00
CA TYR B 293 22.83 -10.09 35.03
C TYR B 293 22.48 -10.71 33.69
N THR B 294 23.49 -11.23 32.98
CA THR B 294 23.22 -11.93 31.73
C THR B 294 23.95 -13.26 31.74
N TYR B 295 23.22 -14.32 31.42
CA TYR B 295 23.76 -15.66 31.33
C TYR B 295 23.54 -16.20 29.94
N VAL B 296 24.53 -16.91 29.41
CA VAL B 296 24.47 -17.46 28.06
C VAL B 296 24.74 -18.95 28.12
N ASN B 297 24.19 -19.67 27.15
CA ASN B 297 24.53 -21.06 26.89
C ASN B 297 25.29 -21.11 25.58
N GLU B 298 26.59 -21.40 25.66
CA GLU B 298 27.45 -21.53 24.49
C GLU B 298 27.58 -23.00 24.12
N GLU B 299 27.28 -23.32 22.88
CA GLU B 299 27.27 -24.70 22.40
C GLU B 299 27.98 -24.72 21.06
N ASN B 300 29.14 -25.38 21.01
CA ASN B 300 29.92 -25.52 19.79
C ASN B 300 30.31 -24.15 19.21
N GLY B 301 30.75 -23.25 20.08
CA GLY B 301 31.16 -21.93 19.66
C GLY B 301 30.04 -20.93 19.43
N LYS B 302 28.78 -21.36 19.49
CA LYS B 302 27.66 -20.49 19.20
C LYS B 302 26.82 -20.25 20.45
N ILE B 303 26.40 -18.99 20.64
CA ILE B 303 25.48 -18.65 21.73
C ILE B 303 24.07 -19.01 21.31
N LYS B 304 23.44 -19.94 22.05
CA LYS B 304 22.16 -20.51 21.64
C LYS B 304 21.00 -20.18 22.56
N ASP B 305 21.28 -19.78 23.80
CA ASP B 305 20.25 -19.37 24.75
C ASP B 305 20.82 -18.23 25.58
N MET B 306 19.95 -17.32 26.01
CA MET B 306 20.38 -16.25 26.91
C MET B 306 19.28 -15.97 27.91
N ILE B 307 19.72 -15.57 29.11
CA ILE B 307 18.86 -15.10 30.18
C ILE B 307 19.41 -13.75 30.63
N SER B 308 18.51 -12.79 30.88
CA SER B 308 18.98 -11.52 31.43
C SER B 308 17.92 -10.92 32.34
N PHE B 309 18.37 -10.34 33.46
CA PHE B 309 17.48 -9.61 34.35
C PHE B 309 18.26 -8.49 35.03
N TYR B 310 17.57 -7.40 35.35
CA TYR B 310 18.22 -6.30 36.04
C TYR B 310 17.74 -6.20 37.49
N SER B 311 18.56 -5.52 38.28
CA SER B 311 18.33 -5.37 39.72
C SER B 311 17.71 -4.00 39.99
N LEU B 312 16.57 -3.98 40.66
CA LEU B 312 15.91 -2.72 40.99
C LEU B 312 15.23 -2.89 42.34
N PRO B 313 15.94 -2.57 43.41
CA PRO B 313 15.34 -2.72 44.75
C PRO B 313 14.26 -1.69 44.99
N SER B 314 13.41 -1.97 45.96
CA SER B 314 12.40 -1.01 46.41
C SER B 314 12.59 -0.74 47.88
N GLN B 315 12.48 0.53 48.25
CA GLN B 315 12.44 0.89 49.65
C GLN B 315 11.10 0.45 50.23
N ILE B 316 11.13 -0.19 51.39
CA ILE B 316 9.92 -0.63 52.07
C ILE B 316 9.57 0.45 53.08
N LEU B 317 8.57 1.26 52.74
CA LEU B 317 8.37 2.54 53.42
C LEU B 317 8.05 2.37 54.90
N GLY B 318 6.84 1.95 55.22
CA GLY B 318 6.44 2.00 56.61
C GLY B 318 6.90 0.88 57.50
N ASN B 319 7.80 0.02 57.03
CA ASN B 319 8.18 -1.20 57.73
C ASN B 319 9.46 -0.99 58.51
N ASP B 320 9.45 -1.37 59.79
CA ASP B 320 10.61 -1.26 60.67
C ASP B 320 11.34 -2.60 60.84
N LYS B 321 10.98 -3.63 60.08
CA LYS B 321 11.68 -4.90 60.10
C LYS B 321 12.56 -5.12 58.88
N TYR B 322 12.08 -4.75 57.70
CA TYR B 322 12.87 -4.75 56.47
C TYR B 322 12.90 -3.34 55.89
N SER B 323 14.02 -2.97 55.29
CA SER B 323 14.14 -1.67 54.65
C SER B 323 14.04 -1.75 53.14
N THR B 324 14.49 -2.84 52.53
CA THR B 324 14.69 -2.91 51.10
C THR B 324 14.14 -4.24 50.59
N LEU B 325 13.38 -4.18 49.49
CA LEU B 325 12.97 -5.37 48.75
C LEU B 325 13.92 -5.56 47.57
N ASN B 326 14.62 -6.69 47.54
CA ASN B 326 15.63 -6.96 46.51
CA ASN B 326 15.62 -6.95 46.50
C ASN B 326 14.97 -7.69 45.35
N ALA B 327 14.74 -6.97 44.24
CA ALA B 327 13.89 -7.45 43.14
C ALA B 327 14.66 -7.60 41.86
N ALA B 328 14.44 -8.72 41.17
CA ALA B 328 14.98 -8.96 39.85
C ALA B 328 13.88 -8.71 38.84
N TYR B 329 14.21 -8.05 37.73
CA TYR B 329 13.25 -7.73 36.67
C TYR B 329 13.69 -8.41 35.39
N SER B 330 12.80 -9.23 34.83
CA SER B 330 13.08 -9.90 33.57
C SER B 330 13.41 -8.88 32.48
N PHE B 331 14.46 -9.17 31.71
CA PHE B 331 14.96 -8.22 30.71
C PHE B 331 14.76 -8.85 29.33
N TYR B 332 15.77 -9.51 28.77
CA TYR B 332 15.61 -10.21 27.51
C TYR B 332 16.00 -11.66 27.67
N ASN B 333 15.13 -12.57 27.22
CA ASN B 333 15.35 -14.01 27.35
C ASN B 333 15.05 -14.69 26.03
N VAL B 334 16.00 -15.51 25.55
CA VAL B 334 15.86 -16.21 24.28
C VAL B 334 16.37 -17.64 24.48
N THR B 335 15.62 -18.61 23.96
CA THR B 335 16.09 -19.99 23.97
C THR B 335 15.88 -20.62 22.60
N THR B 336 16.89 -21.38 22.15
CA THR B 336 16.76 -22.20 20.96
C THR B 336 17.08 -23.68 21.21
N THR B 337 17.49 -24.05 22.43
CA THR B 337 17.75 -25.44 22.77
C THR B 337 16.81 -25.99 23.82
N ALA B 338 15.93 -25.17 24.40
CA ALA B 338 15.02 -25.64 25.43
C ALA B 338 13.67 -24.99 25.22
N THR B 339 12.73 -25.31 26.09
CA THR B 339 11.44 -24.63 26.07
C THR B 339 11.55 -23.31 26.81
N PHE B 340 10.64 -22.39 26.50
CA PHE B 340 10.67 -21.11 27.19
C PHE B 340 10.37 -21.29 28.68
N LYS B 341 9.47 -22.22 29.02
CA LYS B 341 9.23 -22.51 30.45
C LYS B 341 10.53 -22.93 31.14
N GLN B 342 11.28 -23.85 30.53
CA GLN B 342 12.56 -24.28 31.12
C GLN B 342 13.53 -23.12 31.23
N LEU B 343 13.55 -22.26 30.21
CA LEU B 343 14.44 -21.11 30.23
C LEU B 343 14.09 -20.18 31.39
N MET B 344 12.82 -19.78 31.49
CA MET B 344 12.46 -18.87 32.57
C MET B 344 12.57 -19.55 33.93
N GLN B 345 12.35 -20.87 34.00
CA GLN B 345 12.57 -21.56 35.27
C GLN B 345 14.03 -21.43 35.71
N ASP B 346 14.96 -21.56 34.76
CA ASP B 346 16.37 -21.29 35.05
C ASP B 346 16.59 -19.82 35.44
N ALA B 347 15.86 -18.89 34.82
CA ALA B 347 16.01 -17.48 35.16
C ALA B 347 15.64 -17.23 36.62
N ILE B 348 14.53 -17.82 37.08
CA ILE B 348 14.14 -17.73 38.48
C ILE B 348 15.22 -18.32 39.39
N LEU B 349 15.72 -19.51 39.03
CA LEU B 349 16.78 -20.14 39.82
C LEU B 349 18.02 -19.25 39.91
N LEU B 350 18.45 -18.66 38.78
CA LEU B 350 19.62 -17.81 38.82
C LEU B 350 19.38 -16.56 39.67
N ALA B 351 18.18 -15.98 39.58
CA ALA B 351 17.84 -14.89 40.49
C ALA B 351 17.87 -15.35 41.94
N LYS B 352 17.29 -16.52 42.24
CA LYS B 352 17.38 -17.05 43.60
C LYS B 352 18.82 -17.19 44.04
N ARG B 353 19.68 -17.73 43.16
CA ARG B 353 21.09 -17.91 43.49
C ARG B 353 21.80 -16.59 43.74
N ASN B 354 21.29 -15.49 43.20
CA ASN B 354 21.89 -14.17 43.42
C ASN B 354 21.16 -13.37 44.48
N ASN B 355 20.40 -14.03 45.35
CA ASN B 355 19.87 -13.47 46.59
C ASN B 355 18.67 -12.55 46.37
N PHE B 356 17.95 -12.71 45.27
CA PHE B 356 16.78 -11.85 45.01
C PHE B 356 15.55 -12.36 45.74
N ASP B 357 14.76 -11.43 46.29
CA ASP B 357 13.55 -11.80 47.01
C ASP B 357 12.42 -12.16 46.07
N VAL B 358 12.40 -11.57 44.88
CA VAL B 358 11.25 -11.68 43.99
C VAL B 358 11.73 -11.51 42.55
N PHE B 359 11.04 -12.16 41.63
CA PHE B 359 11.33 -12.11 40.21
C PHE B 359 10.11 -11.50 39.52
N ASN B 360 10.28 -10.32 38.92
CA ASN B 360 9.20 -9.58 38.28
C ASN B 360 9.30 -9.70 36.77
N ALA B 361 8.14 -9.71 36.11
CA ALA B 361 8.15 -9.72 34.65
C ALA B 361 6.86 -9.17 34.09
N LEU B 362 6.93 -8.65 32.86
CA LEU B 362 5.82 -8.10 32.12
C LEU B 362 5.27 -9.14 31.15
N GLU B 363 3.99 -9.00 30.80
CA GLU B 363 3.40 -9.90 29.80
C GLU B 363 3.80 -9.45 28.40
N VAL B 364 5.09 -9.24 28.19
CA VAL B 364 5.61 -8.92 26.87
C VAL B 364 6.33 -10.14 26.31
N MET B 365 6.72 -10.05 25.04
CA MET B 365 7.34 -11.15 24.31
C MET B 365 6.65 -12.48 24.59
N GLN B 366 7.40 -13.52 24.99
CA GLN B 366 6.81 -14.83 25.27
C GLN B 366 6.41 -15.02 26.72
N ASN B 367 6.55 -14.01 27.58
CA ASN B 367 6.50 -14.24 29.01
C ASN B 367 5.14 -14.75 29.48
N LYS B 368 4.05 -14.27 28.86
CA LYS B 368 2.73 -14.64 29.36
C LYS B 368 2.55 -16.16 29.37
N SER B 369 3.11 -16.85 28.37
CA SER B 369 2.90 -18.27 28.21
C SER B 369 3.43 -19.12 29.37
N VAL B 370 4.28 -18.58 30.24
CA VAL B 370 4.88 -19.37 31.30
C VAL B 370 4.38 -18.98 32.70
N PHE B 371 3.64 -17.88 32.82
CA PHE B 371 3.32 -17.34 34.13
C PHE B 371 2.55 -18.33 35.00
N GLU B 372 1.57 -19.02 34.43
CA GLU B 372 0.78 -19.94 35.24
C GLU B 372 1.62 -21.13 35.70
N ASP B 373 2.41 -21.71 34.80
CA ASP B 373 3.16 -22.92 35.16
C ASP B 373 4.28 -22.62 36.15
N LEU B 374 4.86 -21.41 36.08
CA LEU B 374 5.98 -21.08 36.95
C LEU B 374 5.53 -20.32 38.20
N LYS B 375 4.23 -20.33 38.49
CA LYS B 375 3.70 -19.81 39.75
C LYS B 375 3.89 -18.30 39.89
N PHE B 376 3.86 -17.58 38.77
CA PHE B 376 3.75 -16.14 38.82
C PHE B 376 2.33 -15.75 39.22
N GLY B 377 2.20 -14.71 40.03
CA GLY B 377 0.92 -14.13 40.36
C GLY B 377 0.75 -12.82 39.64
N GLU B 378 -0.46 -12.57 39.14
CA GLU B 378 -0.73 -11.32 38.42
C GLU B 378 -0.66 -10.15 39.40
N GLY B 379 0.07 -9.10 39.02
CA GLY B 379 0.13 -7.91 39.83
C GLY B 379 -1.19 -7.15 39.80
N ASP B 380 -1.17 -5.96 40.41
CA ASP B 380 -2.30 -5.03 40.33
C ASP B 380 -1.99 -3.81 39.48
N GLU B 381 -0.80 -3.72 38.90
CA GLU B 381 -0.41 -2.59 38.10
C GLU B 381 0.08 -3.07 36.73
N SER B 382 -0.10 -2.21 35.74
CA SER B 382 0.40 -2.47 34.39
C SER B 382 1.34 -1.35 33.99
N LEU B 383 2.24 -1.65 33.06
CA LEU B 383 3.11 -0.64 32.47
C LEU B 383 2.58 -0.24 31.09
N LYS B 384 2.37 1.05 30.88
CA LYS B 384 1.89 1.54 29.60
C LYS B 384 3.08 1.96 28.76
N TYR B 385 3.08 1.57 27.49
CA TYR B 385 4.08 1.99 26.53
C TYR B 385 3.53 3.15 25.69
N TYR B 386 4.34 4.20 25.50
CA TYR B 386 3.94 5.39 24.77
C TYR B 386 4.98 5.74 23.72
N LEU B 387 4.52 6.37 22.65
CA LEU B 387 5.40 7.06 21.69
C LEU B 387 5.00 8.52 21.59
N TYR B 388 5.98 9.38 21.41
CA TYR B 388 5.78 10.81 21.17
C TYR B 388 5.90 11.09 19.69
N ASN B 389 4.90 11.81 19.15
CA ASN B 389 4.87 12.23 17.75
C ASN B 389 4.90 11.03 16.80
N TRP B 390 4.06 10.05 17.08
CA TRP B 390 3.96 8.88 16.22
C TRP B 390 2.54 8.34 16.24
N LYS B 391 1.98 8.15 15.06
CA LYS B 391 0.64 7.65 14.84
C LYS B 391 0.72 6.21 14.35
N CYS B 392 0.10 5.28 15.10
CA CYS B 392 0.03 3.88 14.67
C CYS B 392 -1.01 3.13 15.50
N ALA B 393 -1.42 1.96 14.99
CA ALA B 393 -2.33 1.09 15.72
C ALA B 393 -1.70 0.57 17.02
N SER B 394 -2.51 0.54 18.09
CA SER B 394 -2.06 -0.11 19.32
C SER B 394 -2.02 -1.62 19.12
N PHE B 395 -1.39 -2.32 20.06
CA PHE B 395 -1.28 -3.77 19.95
C PHE B 395 -1.16 -4.43 21.32
N ALA B 396 -1.57 -5.71 21.35
CA ALA B 396 -1.45 -6.54 22.54
C ALA B 396 0.01 -6.67 22.97
N PRO B 397 0.28 -6.78 24.27
CA PRO B 397 1.67 -6.73 24.75
C PRO B 397 2.52 -7.93 24.35
N ALA B 398 1.92 -9.03 23.89
CA ALA B 398 2.75 -10.10 23.36
C ALA B 398 3.56 -9.64 22.15
N HIS B 399 3.10 -8.59 21.46
CA HIS B 399 3.81 -8.02 20.32
C HIS B 399 4.84 -6.96 20.70
N VAL B 400 5.03 -6.70 21.99
CA VAL B 400 6.05 -5.76 22.46
C VAL B 400 7.36 -6.52 22.63
N GLY B 401 8.45 -5.94 22.13
CA GLY B 401 9.75 -6.57 22.20
C GLY B 401 10.80 -5.67 22.80
N ILE B 402 10.41 -4.82 23.73
CA ILE B 402 11.37 -3.96 24.40
C ILE B 402 10.97 -3.85 25.86
N VAL B 403 11.97 -3.90 26.73
CA VAL B 403 11.80 -3.63 28.15
C VAL B 403 12.65 -2.42 28.48
N LEU B 404 12.01 -1.34 28.93
CA LEU B 404 12.74 -0.15 29.34
C LEU B 404 13.05 -0.21 30.83
N LEU B 405 14.05 0.57 31.23
CA LEU B 405 14.47 0.54 32.62
C LEU B 405 13.53 1.32 33.55
N ASP C 22 -25.88 19.93 -27.32
CA ASP C 22 -26.13 21.29 -26.84
C ASP C 22 -26.17 21.35 -25.31
N TYR C 23 -26.88 20.42 -24.69
CA TYR C 23 -27.04 20.33 -23.22
C TYR C 23 -27.54 21.66 -22.64
N LYS C 24 -28.70 22.09 -23.13
CA LYS C 24 -29.18 23.42 -22.76
C LYS C 24 -29.49 23.51 -21.28
N PHE C 25 -30.00 22.42 -20.70
CA PHE C 25 -30.19 22.41 -19.25
C PHE C 25 -28.85 22.35 -18.54
N TRP C 26 -28.00 21.38 -18.90
CA TRP C 26 -26.82 21.13 -18.10
C TRP C 26 -25.83 22.29 -18.16
N TYR C 27 -25.85 23.03 -19.27
CA TYR C 27 -25.03 24.23 -19.41
C TYR C 27 -25.30 25.24 -18.29
N THR C 28 -26.53 25.29 -17.77
CA THR C 28 -26.86 26.24 -16.71
C THR C 28 -26.46 25.74 -15.33
N GLN C 29 -26.01 24.50 -15.21
CA GLN C 29 -25.75 23.90 -13.91
C GLN C 29 -24.27 23.94 -13.57
N PRO C 30 -23.90 23.91 -12.28
CA PRO C 30 -22.46 23.88 -11.96
C PRO C 30 -21.86 22.50 -12.14
N VAL C 31 -21.73 22.08 -13.40
CA VAL C 31 -21.03 20.87 -13.81
C VAL C 31 -20.00 21.25 -14.85
N PRO C 32 -19.03 20.37 -15.15
CA PRO C 32 -18.01 20.73 -16.12
C PRO C 32 -18.61 20.90 -17.50
N LYS C 33 -18.09 21.88 -18.24
CA LYS C 33 -18.40 21.99 -19.65
C LYS C 33 -17.67 20.89 -20.41
N ILE C 34 -18.26 20.47 -21.54
CA ILE C 34 -17.87 19.27 -22.28
C ILE C 34 -16.36 19.19 -22.48
N ASN C 35 -15.67 20.33 -22.44
CA ASN C 35 -14.23 20.35 -22.67
C ASN C 35 -13.44 20.89 -21.49
N ASP C 36 -13.99 20.84 -20.28
CA ASP C 36 -13.24 21.21 -19.09
C ASP C 36 -12.29 20.07 -18.71
N GLU C 37 -11.03 20.42 -18.45
CA GLU C 37 -10.03 19.44 -18.01
C GLU C 37 -9.25 20.05 -16.86
N PHE C 38 -9.32 19.43 -15.68
CA PHE C 38 -8.60 19.91 -14.52
C PHE C 38 -7.50 18.95 -14.12
N ASN C 39 -6.38 19.48 -13.65
CA ASN C 39 -5.33 18.59 -13.17
C ASN C 39 -5.54 18.32 -11.67
N GLU C 40 -4.63 17.51 -11.10
CA GLU C 40 -4.80 17.04 -9.72
C GLU C 40 -4.76 18.16 -8.70
N SER C 41 -4.19 19.32 -9.04
CA SER C 41 -4.18 20.42 -8.07
C SER C 41 -5.56 21.05 -7.88
N VAL C 42 -6.55 20.68 -8.69
CA VAL C 42 -7.88 21.24 -8.58
C VAL C 42 -8.81 20.18 -8.01
N ASN C 43 -9.40 20.47 -6.86
CA ASN C 43 -10.35 19.57 -6.20
C ASN C 43 -11.25 20.42 -5.29
N GLU C 44 -12.31 21.02 -5.85
CA GLU C 44 -13.09 22.03 -5.14
C GLU C 44 -14.43 22.25 -5.83
N PRO C 45 -15.38 22.92 -5.18
CA PRO C 45 -16.66 23.20 -5.85
C PRO C 45 -16.50 24.13 -7.04
N PHE C 46 -17.46 24.04 -7.95
CA PHE C 46 -17.60 25.11 -8.93
C PHE C 46 -18.09 26.38 -8.23
N ILE C 47 -19.02 26.24 -7.29
CA ILE C 47 -19.63 27.35 -6.57
C ILE C 47 -19.48 27.08 -5.07
N SER C 48 -18.67 27.90 -4.40
CA SER C 48 -18.45 27.79 -2.96
CA SER C 48 -18.47 27.78 -2.96
C SER C 48 -19.24 28.89 -2.23
N ASP C 49 -19.10 28.90 -0.90
CA ASP C 49 -19.73 29.92 -0.05
C ASP C 49 -21.24 30.00 -0.28
N ASN C 50 -21.87 28.85 -0.46
CA ASN C 50 -23.32 28.82 -0.59
C ASN C 50 -23.99 29.13 0.74
N LYS C 51 -25.17 29.75 0.68
CA LYS C 51 -25.89 30.17 1.88
C LYS C 51 -27.24 29.46 1.96
N VAL C 52 -27.43 28.66 3.01
CA VAL C 52 -28.68 27.95 3.13
CA VAL C 52 -28.69 27.95 3.21
C VAL C 52 -29.85 28.91 3.26
N GLU C 53 -29.66 30.05 3.94
CA GLU C 53 -30.76 31.00 4.13
C GLU C 53 -31.28 31.56 2.81
N ASP C 54 -30.47 31.52 1.75
CA ASP C 54 -30.84 32.06 0.46
C ASP C 54 -31.52 31.05 -0.46
N VAL C 55 -31.62 29.78 -0.06
CA VAL C 55 -32.22 28.76 -0.93
C VAL C 55 -33.72 29.03 -1.10
N ARG C 56 -34.22 28.88 -2.33
CA ARG C 56 -35.66 29.07 -2.58
C ARG C 56 -36.49 28.18 -1.67
N LYS C 57 -37.53 28.76 -1.05
CA LYS C 57 -38.42 27.96 -0.21
C LYS C 57 -39.64 27.47 -0.95
N ASP C 58 -39.91 27.99 -2.14
CA ASP C 58 -41.06 27.58 -2.94
C ASP C 58 -40.71 26.37 -3.80
N GLU C 59 -41.63 25.43 -3.87
CA GLU C 59 -41.49 24.30 -4.77
C GLU C 59 -41.49 24.77 -6.23
N TYR C 60 -40.64 24.14 -7.05
CA TYR C 60 -40.66 24.43 -8.47
C TYR C 60 -42.05 24.15 -9.04
N LYS C 61 -42.44 24.96 -10.01
CA LYS C 61 -43.75 24.82 -10.62
C LYS C 61 -43.75 23.67 -11.62
N LEU C 62 -44.81 22.88 -11.59
CA LEU C 62 -45.08 21.78 -12.50
C LEU C 62 -46.13 22.20 -13.51
N PRO C 63 -46.27 21.46 -14.60
CA PRO C 63 -47.34 21.77 -15.56
C PRO C 63 -48.70 21.65 -14.92
N PRO C 64 -49.71 22.32 -15.48
CA PRO C 64 -51.07 22.24 -14.92
C PRO C 64 -51.53 20.80 -14.78
N GLY C 65 -52.17 20.50 -13.66
CA GLY C 65 -52.74 19.19 -13.41
C GLY C 65 -51.80 18.19 -12.75
N TYR C 66 -50.58 18.59 -12.38
CA TYR C 66 -49.61 17.73 -11.73
C TYR C 66 -49.20 18.33 -10.38
N SER C 67 -48.92 17.48 -9.39
CA SER C 67 -48.58 17.96 -8.05
C SER C 67 -47.38 17.19 -7.48
N TRP C 68 -46.58 17.89 -6.67
CA TRP C 68 -45.52 17.22 -5.92
C TRP C 68 -46.15 16.30 -4.88
N TYR C 69 -45.52 15.16 -4.63
CA TYR C 69 -45.99 14.19 -3.66
C TYR C 69 -44.80 13.69 -2.87
N VAL C 70 -44.89 13.76 -1.54
CA VAL C 70 -43.83 13.22 -0.69
C VAL C 70 -44.08 11.73 -0.48
N CYS C 71 -43.24 10.90 -1.09
CA CYS C 71 -43.40 9.45 -0.98
C CYS C 71 -42.92 8.95 0.38
N ASP C 72 -43.70 8.05 0.98
CA ASP C 72 -43.27 7.37 2.21
C ASP C 72 -42.84 5.96 1.83
N VAL C 73 -41.54 5.78 1.59
CA VAL C 73 -41.13 4.46 1.11
CA VAL C 73 -41.03 4.47 1.14
C VAL C 73 -41.29 3.39 2.18
N LYS C 74 -41.39 3.77 3.47
CA LYS C 74 -41.68 2.76 4.48
C LYS C 74 -43.14 2.35 4.51
N ASP C 75 -44.03 3.10 3.86
CA ASP C 75 -45.42 2.68 3.69
C ASP C 75 -45.51 1.74 2.51
N GLU C 76 -46.05 0.53 2.73
CA GLU C 76 -46.02 -0.50 1.69
C GLU C 76 -46.71 -0.05 0.41
N LYS C 77 -47.76 0.76 0.53
CA LYS C 77 -48.55 1.13 -0.63
C LYS C 77 -47.91 2.26 -1.42
N ASP C 78 -47.39 3.29 -0.74
CA ASP C 78 -46.55 4.26 -1.44
C ASP C 78 -45.40 3.55 -2.14
N ARG C 79 -44.77 2.59 -1.44
CA ARG C 79 -43.64 1.86 -2.00
C ARG C 79 -44.03 1.11 -3.27
N SER C 80 -45.21 0.45 -3.26
CA SER C 80 -45.67 -0.27 -4.44
C SER C 80 -45.92 0.68 -5.62
N GLU C 81 -46.36 1.91 -5.36
CA GLU C 81 -46.55 2.84 -6.46
C GLU C 81 -45.21 3.21 -7.11
N ILE C 82 -44.17 3.39 -6.29
CA ILE C 82 -42.84 3.64 -6.83
C ILE C 82 -42.35 2.42 -7.61
N TYR C 83 -42.47 1.24 -6.99
CA TYR C 83 -42.03 0.01 -7.65
C TYR C 83 -42.71 -0.17 -9.00
N THR C 84 -44.01 0.09 -9.07
CA THR C 84 -44.72 -0.08 -10.33
C THR C 84 -44.21 0.90 -11.38
N LEU C 85 -44.02 2.17 -10.99
CA LEU C 85 -43.54 3.18 -11.91
C LEU C 85 -42.18 2.80 -12.49
N LEU C 86 -41.25 2.40 -11.62
CA LEU C 86 -39.91 2.04 -12.08
C LEU C 86 -39.96 0.78 -12.92
N THR C 87 -40.72 -0.22 -12.49
CA THR C 87 -40.81 -1.48 -13.22
C THR C 87 -41.29 -1.26 -14.64
N ASP C 88 -42.26 -0.37 -14.83
CA ASP C 88 -42.82 -0.17 -16.16
C ASP C 88 -42.08 0.89 -16.98
N ASN C 89 -41.35 1.80 -16.33
CA ASN C 89 -40.84 2.97 -17.04
C ASN C 89 -39.38 3.30 -16.83
N TYR C 90 -38.62 2.52 -16.04
CA TYR C 90 -37.25 2.90 -15.74
C TYR C 90 -36.28 2.41 -16.83
N VAL C 91 -35.08 1.98 -16.42
CA VAL C 91 -33.94 1.85 -17.34
C VAL C 91 -34.04 0.58 -18.16
N GLU C 92 -33.93 0.72 -19.47
CA GLU C 92 -33.77 -0.38 -20.41
C GLU C 92 -32.35 -0.38 -20.98
N ASP C 93 -31.95 -1.53 -21.54
CA ASP C 93 -30.67 -1.61 -22.22
C ASP C 93 -30.76 -0.93 -23.58
N ASP C 94 -29.59 -0.75 -24.22
CA ASP C 94 -29.51 0.03 -25.45
C ASP C 94 -30.35 -0.55 -26.58
N ASP C 95 -30.81 -1.80 -26.46
CA ASP C 95 -31.62 -2.42 -27.50
C ASP C 95 -33.05 -2.72 -27.04
N ASN C 96 -33.44 -2.25 -25.85
CA ASN C 96 -34.81 -2.42 -25.33
C ASN C 96 -35.21 -3.89 -25.24
N ILE C 97 -34.32 -4.70 -24.66
CA ILE C 97 -34.59 -6.12 -24.43
C ILE C 97 -34.87 -6.39 -22.96
N PHE C 98 -34.07 -5.81 -22.07
CA PHE C 98 -34.22 -6.03 -20.62
C PHE C 98 -34.45 -4.70 -19.93
N ARG C 99 -35.46 -4.64 -19.07
CA ARG C 99 -35.70 -3.50 -18.21
CA ARG C 99 -35.69 -3.49 -18.20
C ARG C 99 -35.46 -3.92 -16.76
N PHE C 100 -34.62 -3.17 -16.05
CA PHE C 100 -34.39 -3.41 -14.63
C PHE C 100 -35.72 -3.58 -13.90
N ASN C 101 -35.73 -4.53 -12.97
CA ASN C 101 -36.92 -4.82 -12.20
C ASN C 101 -36.56 -4.80 -10.71
N TYR C 102 -36.07 -3.65 -10.25
CA TYR C 102 -35.93 -3.37 -8.83
C TYR C 102 -37.17 -3.83 -8.07
N SER C 103 -36.97 -4.67 -7.05
CA SER C 103 -38.09 -5.13 -6.24
C SER C 103 -38.49 -4.12 -5.15
N ALA C 104 -39.60 -4.40 -4.49
CA ALA C 104 -40.07 -3.55 -3.40
C ALA C 104 -39.12 -3.56 -2.21
N GLU C 105 -38.71 -4.75 -1.78
CA GLU C 105 -37.72 -4.85 -0.72
C GLU C 105 -36.41 -4.19 -1.13
N PHE C 106 -36.06 -4.26 -2.41
CA PHE C 106 -34.86 -3.57 -2.89
C PHE C 106 -34.99 -2.05 -2.74
N LEU C 107 -36.15 -1.49 -3.08
CA LEU C 107 -36.28 -0.04 -2.96
C LEU C 107 -36.18 0.41 -1.51
N LEU C 108 -36.80 -0.34 -0.60
CA LEU C 108 -36.69 -0.04 0.82
C LEU C 108 -35.24 0.00 1.25
N TRP C 109 -34.47 -1.02 0.85
CA TRP C 109 -33.04 -1.08 1.15
C TRP C 109 -32.30 0.10 0.54
N ALA C 110 -32.52 0.37 -0.74
CA ALA C 110 -31.77 1.44 -1.41
C ALA C 110 -32.07 2.82 -0.82
N LEU C 111 -33.25 3.01 -0.25
CA LEU C 111 -33.72 4.36 0.03
C LEU C 111 -33.80 4.72 1.50
N THR C 112 -33.65 3.76 2.42
CA THR C 112 -33.82 4.04 3.85
C THR C 112 -32.55 3.76 4.63
N SER C 113 -31.41 4.09 4.03
CA SER C 113 -30.12 3.98 4.66
C SER C 113 -30.01 5.02 5.80
N PRO C 114 -28.96 4.94 6.62
CA PRO C 114 -28.90 5.78 7.82
C PRO C 114 -29.03 7.27 7.52
N ASN C 115 -29.88 7.93 8.31
CA ASN C 115 -30.11 9.37 8.22
C ASN C 115 -30.75 9.78 6.91
N TYR C 116 -31.42 8.86 6.23
CA TYR C 116 -32.17 9.25 5.03
C TYR C 116 -33.23 10.29 5.40
N LEU C 117 -33.64 11.07 4.40
CA LEU C 117 -34.70 12.04 4.55
C LEU C 117 -35.88 11.61 3.71
N LYS C 118 -37.05 11.54 4.34
CA LYS C 118 -38.29 11.29 3.61
C LYS C 118 -38.53 12.36 2.55
N THR C 119 -38.15 13.62 2.85
CA THR C 119 -38.42 14.70 1.91
C THR C 119 -37.51 14.68 0.69
N TRP C 120 -36.55 13.74 0.61
CA TRP C 120 -35.73 13.56 -0.57
C TRP C 120 -36.22 12.40 -1.41
N HIS C 121 -37.42 11.90 -1.12
CA HIS C 121 -38.06 10.85 -1.90
C HIS C 121 -39.27 11.52 -2.55
N ILE C 122 -39.04 12.05 -3.75
CA ILE C 122 -39.95 13.02 -4.37
C ILE C 122 -40.72 12.36 -5.51
N GLY C 123 -42.04 12.35 -5.40
CA GLY C 123 -42.89 11.91 -6.50
C GLY C 123 -43.64 13.05 -7.17
N VAL C 124 -44.14 12.79 -8.37
CA VAL C 124 -45.06 13.68 -9.07
C VAL C 124 -46.31 12.88 -9.40
N LYS C 125 -47.47 13.42 -9.06
CA LYS C 125 -48.72 12.76 -9.34
C LYS C 125 -49.49 13.56 -10.38
N TYR C 126 -50.23 12.84 -11.20
CA TYR C 126 -51.24 13.42 -12.06
C TYR C 126 -52.52 13.53 -11.22
N ASP C 127 -52.99 14.76 -11.02
CA ASP C 127 -54.08 15.01 -10.07
C ASP C 127 -55.33 14.20 -10.44
N ALA C 128 -55.64 14.13 -11.74
CA ALA C 128 -56.94 13.61 -12.15
C ALA C 128 -57.08 12.12 -11.86
N SER C 129 -56.02 11.35 -12.06
CA SER C 129 -56.03 9.93 -11.76
C SER C 129 -55.43 9.59 -10.39
N ASN C 130 -54.70 10.52 -9.78
CA ASN C 130 -53.95 10.29 -8.55
C ASN C 130 -52.81 9.28 -8.76
N LYS C 131 -52.34 9.09 -10.00
CA LYS C 131 -51.27 8.14 -10.27
C LYS C 131 -49.91 8.82 -10.17
N LEU C 132 -48.94 8.09 -9.63
CA LEU C 132 -47.56 8.57 -9.60
C LEU C 132 -46.97 8.45 -11.00
N ILE C 133 -46.52 9.56 -11.58
CA ILE C 133 -45.97 9.53 -12.93
C ILE C 133 -44.52 9.99 -13.00
N GLY C 134 -43.95 10.43 -11.90
CA GLY C 134 -42.55 10.80 -11.89
C GLY C 134 -41.98 10.59 -10.51
N PHE C 135 -40.67 10.39 -10.45
CA PHE C 135 -40.01 10.12 -9.18
C PHE C 135 -38.54 10.51 -9.31
N ILE C 136 -37.98 11.00 -8.23
CA ILE C 136 -36.53 11.17 -8.11
C ILE C 136 -36.19 11.09 -6.64
N SER C 137 -35.01 10.56 -6.32
CA SER C 137 -34.65 10.27 -4.94
C SER C 137 -33.21 10.66 -4.67
N ALA C 138 -32.93 10.97 -3.41
CA ALA C 138 -31.57 11.15 -2.94
C ALA C 138 -31.43 10.61 -1.52
N ILE C 139 -30.22 10.16 -1.19
CA ILE C 139 -29.88 9.74 0.17
C ILE C 139 -28.53 10.38 0.53
N PRO C 140 -28.31 10.72 1.79
CA PRO C 140 -27.03 11.36 2.15
C PRO C 140 -25.92 10.33 2.28
N THR C 141 -24.71 10.77 1.94
CA THR C 141 -23.53 9.93 2.04
C THR C 141 -22.31 10.83 2.07
N ASP C 142 -21.31 10.43 2.84
CA ASP C 142 -20.01 11.09 2.85
C ASP C 142 -19.16 10.48 1.74
N ILE C 143 -18.75 11.31 0.78
CA ILE C 143 -17.99 10.88 -0.38
C ILE C 143 -16.58 11.44 -0.26
N CYS C 144 -15.60 10.57 -0.40
CA CYS C 144 -14.20 10.99 -0.44
C CYS C 144 -13.76 11.07 -1.90
N ILE C 145 -13.52 12.28 -2.39
CA ILE C 145 -13.09 12.50 -3.77
C ILE C 145 -11.69 13.10 -3.72
N HIS C 146 -10.74 12.43 -4.36
CA HIS C 146 -9.32 12.82 -4.32
C HIS C 146 -8.90 13.20 -2.90
N LYS C 147 -9.24 12.35 -1.93
CA LYS C 147 -8.83 12.45 -0.53
C LYS C 147 -9.56 13.54 0.25
N ARG C 148 -10.50 14.26 -0.34
CA ARG C 148 -11.32 15.24 0.38
C ARG C 148 -12.69 14.63 0.62
N THR C 149 -13.13 14.59 1.88
CA THR C 149 -14.42 14.01 2.25
C THR C 149 -15.46 15.11 2.33
N ILE C 150 -16.54 14.94 1.58
CA ILE C 150 -17.59 15.93 1.40
C ILE C 150 -18.94 15.26 1.68
N LYS C 151 -19.80 15.91 2.46
CA LYS C 151 -21.14 15.39 2.62
C LYS C 151 -21.90 15.64 1.32
N MET C 152 -22.44 14.58 0.73
CA MET C 152 -23.10 14.69 -0.57
C MET C 152 -24.47 14.05 -0.51
N ALA C 153 -25.26 14.29 -1.55
CA ALA C 153 -26.46 13.51 -1.79
C ALA C 153 -26.18 12.54 -2.93
N GLU C 154 -26.64 11.31 -2.79
CA GLU C 154 -26.53 10.32 -3.85
C GLU C 154 -27.88 10.27 -4.55
N VAL C 155 -27.94 10.74 -5.81
CA VAL C 155 -29.21 10.88 -6.52
C VAL C 155 -29.44 9.66 -7.41
N ASN C 156 -30.66 9.15 -7.40
CA ASN C 156 -30.94 7.90 -8.07
C ASN C 156 -32.42 7.79 -8.35
N PHE C 157 -32.76 6.89 -9.27
CA PHE C 157 -34.15 6.53 -9.61
C PHE C 157 -34.92 7.68 -10.23
N LEU C 158 -34.26 8.58 -10.95
CA LEU C 158 -34.99 9.55 -11.76
C LEU C 158 -35.84 8.83 -12.80
N CYS C 159 -37.15 9.03 -12.75
CA CYS C 159 -38.04 8.29 -13.66
C CYS C 159 -39.26 9.12 -14.02
N VAL C 160 -39.56 9.19 -15.30
CA VAL C 160 -40.75 9.84 -15.83
C VAL C 160 -41.54 8.78 -16.61
N HIS C 161 -42.84 8.69 -16.34
CA HIS C 161 -43.69 7.75 -17.05
C HIS C 161 -43.48 7.89 -18.56
N LYS C 162 -43.47 6.75 -19.25
CA LYS C 162 -43.17 6.72 -20.69
C LYS C 162 -44.09 7.63 -21.49
N THR C 163 -45.35 7.77 -21.10
CA THR C 163 -46.26 8.59 -21.90
C THR C 163 -46.01 10.09 -21.73
N LEU C 164 -45.10 10.50 -20.86
CA LEU C 164 -44.85 11.91 -20.59
C LEU C 164 -43.40 12.32 -20.86
N ARG C 165 -42.68 11.53 -21.67
CA ARG C 165 -41.29 11.86 -22.00
C ARG C 165 -41.18 13.14 -22.83
N SER C 166 -42.25 13.54 -23.53
CA SER C 166 -42.23 14.76 -24.33
C SER C 166 -42.65 15.99 -23.53
N LYS C 167 -42.41 16.01 -22.22
CA LYS C 167 -42.87 17.13 -21.41
C LYS C 167 -41.76 17.84 -20.64
N ARG C 168 -40.49 17.45 -20.83
CA ARG C 168 -39.37 18.13 -20.18
C ARG C 168 -39.51 18.13 -18.65
N LEU C 169 -40.01 17.02 -18.09
CA LEU C 169 -40.17 16.98 -16.64
C LEU C 169 -38.86 16.73 -15.91
N ALA C 170 -37.91 16.03 -16.55
CA ALA C 170 -36.65 15.71 -15.88
C ALA C 170 -35.93 16.92 -15.30
N PRO C 171 -35.72 18.02 -16.03
CA PRO C 171 -35.06 19.17 -15.40
C PRO C 171 -35.82 19.71 -14.22
N VAL C 172 -37.15 19.67 -14.25
CA VAL C 172 -37.92 20.13 -13.10
C VAL C 172 -37.64 19.24 -11.89
N LEU C 173 -37.62 17.92 -12.09
CA LEU C 173 -37.31 17.01 -11.00
C LEU C 173 -35.91 17.27 -10.44
N ILE C 174 -34.93 17.43 -11.33
CA ILE C 174 -33.56 17.68 -10.88
C ILE C 174 -33.48 19.00 -10.11
N LYS C 175 -34.16 20.04 -10.58
CA LYS C 175 -34.06 21.31 -9.88
C LYS C 175 -34.74 21.26 -8.51
N GLU C 176 -35.86 20.54 -8.40
CA GLU C 176 -36.55 20.45 -7.13
C GLU C 176 -35.76 19.63 -6.11
N ILE C 177 -35.18 18.49 -6.51
CA ILE C 177 -34.39 17.75 -5.53
CA ILE C 177 -34.38 17.74 -5.55
C ILE C 177 -33.12 18.51 -5.18
N THR C 178 -32.55 19.26 -6.14
CA THR C 178 -31.40 20.10 -5.83
C THR C 178 -31.75 21.11 -4.75
N ARG C 179 -32.93 21.71 -4.86
CA ARG C 179 -33.37 22.71 -3.88
C ARG C 179 -33.52 22.07 -2.50
N ARG C 180 -34.11 20.86 -2.45
CA ARG C 180 -34.32 20.20 -1.16
C ARG C 180 -33.01 19.75 -0.54
N ILE C 181 -32.04 19.35 -1.37
CA ILE C 181 -30.73 19.01 -0.85
C ILE C 181 -30.02 20.26 -0.33
N ASN C 182 -30.06 21.37 -1.10
CA ASN C 182 -29.49 22.62 -0.64
C ASN C 182 -30.11 23.08 0.68
N LEU C 183 -31.42 22.85 0.86
CA LEU C 183 -32.05 23.21 2.13
C LEU C 183 -31.34 22.57 3.33
N GLU C 184 -30.69 21.42 3.14
CA GLU C 184 -29.99 20.75 4.23
C GLU C 184 -28.53 21.16 4.32
N ASN C 185 -28.14 22.28 3.68
CA ASN C 185 -26.75 22.77 3.67
C ASN C 185 -25.80 21.77 3.00
N ILE C 186 -26.29 21.10 1.97
CA ILE C 186 -25.50 20.17 1.17
C ILE C 186 -25.51 20.66 -0.27
N TRP C 187 -24.32 20.74 -0.87
CA TRP C 187 -24.13 21.47 -2.11
C TRP C 187 -23.49 20.64 -3.21
N GLN C 188 -23.19 19.37 -2.95
CA GLN C 188 -22.60 18.45 -3.91
C GLN C 188 -23.47 17.21 -4.00
N ALA C 189 -23.38 16.52 -5.13
CA ALA C 189 -24.07 15.25 -5.28
C ALA C 189 -23.21 14.31 -6.12
N ILE C 190 -23.48 13.02 -5.99
CA ILE C 190 -22.87 12.00 -6.83
C ILE C 190 -24.00 11.23 -7.51
N TYR C 191 -23.81 10.86 -8.77
CA TYR C 191 -24.81 10.07 -9.48
C TYR C 191 -24.13 9.35 -10.62
N THR C 192 -24.78 8.28 -11.10
CA THR C 192 -24.30 7.52 -12.24
C THR C 192 -25.38 7.48 -13.30
N ALA C 193 -24.95 7.27 -14.53
CA ALA C 193 -25.88 7.11 -15.64
C ALA C 193 -25.20 6.32 -16.75
N GLY C 194 -26.00 5.60 -17.54
CA GLY C 194 -25.48 4.94 -18.72
C GLY C 194 -25.23 5.92 -19.85
N VAL C 195 -25.96 7.04 -19.88
CA VAL C 195 -25.82 8.00 -20.95
C VAL C 195 -24.72 8.99 -20.59
N TYR C 196 -24.15 9.61 -21.62
CA TYR C 196 -23.12 10.61 -21.44
C TYR C 196 -23.75 11.96 -21.12
N LEU C 197 -23.27 12.60 -20.06
CA LEU C 197 -23.64 13.94 -19.64
C LEU C 197 -22.37 14.71 -19.34
N PRO C 198 -22.45 16.04 -19.27
CA PRO C 198 -21.28 16.81 -18.79
C PRO C 198 -21.15 16.61 -17.27
N LYS C 199 -20.03 16.05 -16.82
CA LYS C 199 -18.98 15.39 -17.60
C LYS C 199 -18.45 14.34 -16.64
N PRO C 200 -18.26 13.10 -17.07
CA PRO C 200 -17.97 12.03 -16.11
C PRO C 200 -16.61 12.24 -15.45
N VAL C 201 -16.54 11.92 -14.16
N VAL C 201 -16.56 11.93 -14.16
CA VAL C 201 -15.22 11.85 -13.52
CA VAL C 201 -15.26 11.85 -13.49
C VAL C 201 -14.55 10.51 -13.80
C VAL C 201 -14.56 10.52 -13.79
N SER C 202 -15.33 9.50 -14.17
CA SER C 202 -14.78 8.20 -14.57
C SER C 202 -15.86 7.46 -15.34
N ASP C 203 -15.44 6.42 -16.07
CA ASP C 203 -16.33 5.68 -16.98
C ASP C 203 -15.93 4.21 -16.88
N ALA C 204 -16.85 3.33 -16.50
CA ALA C 204 -16.55 1.93 -16.23
C ALA C 204 -17.45 1.03 -17.05
N ARG C 205 -16.85 0.22 -17.92
CA ARG C 205 -17.58 -0.77 -18.70
C ARG C 205 -18.12 -1.88 -17.80
N TYR C 206 -19.26 -2.44 -18.23
CA TYR C 206 -19.82 -3.63 -17.61
C TYR C 206 -19.24 -4.88 -18.26
N TYR C 207 -18.99 -5.90 -17.43
CA TYR C 207 -18.58 -7.24 -17.85
C TYR C 207 -19.51 -8.26 -17.20
N HIS C 208 -19.71 -9.40 -17.86
CA HIS C 208 -20.74 -10.36 -17.49
C HIS C 208 -20.15 -11.76 -17.48
N ARG C 209 -20.44 -12.52 -16.42
CA ARG C 209 -19.95 -13.89 -16.28
C ARG C 209 -21.16 -14.80 -16.32
N SER C 210 -21.28 -15.58 -17.40
CA SER C 210 -22.40 -16.48 -17.55
C SER C 210 -22.37 -17.54 -16.46
N ILE C 211 -23.55 -17.82 -15.89
CA ILE C 211 -23.73 -18.92 -14.94
C ILE C 211 -24.69 -19.96 -15.50
N ASN C 212 -25.91 -19.54 -15.86
CA ASN C 212 -26.89 -20.39 -16.52
CA ASN C 212 -26.87 -20.42 -16.52
C ASN C 212 -26.75 -20.17 -18.03
N VAL C 213 -25.81 -20.90 -18.64
CA VAL C 213 -25.41 -20.66 -20.03
C VAL C 213 -26.59 -20.81 -20.98
N LYS C 214 -27.31 -21.93 -20.87
CA LYS C 214 -28.37 -22.23 -21.82
C LYS C 214 -29.47 -21.16 -21.78
N LYS C 215 -29.89 -20.79 -20.58
CA LYS C 215 -30.91 -19.74 -20.45
C LYS C 215 -30.44 -18.45 -21.13
N LEU C 216 -29.20 -18.04 -20.87
CA LEU C 216 -28.70 -16.80 -21.47
C LEU C 216 -28.65 -16.88 -22.98
N ILE C 217 -28.33 -18.05 -23.53
CA ILE C 217 -28.37 -18.20 -24.98
CA ILE C 217 -28.37 -18.24 -24.98
C ILE C 217 -29.80 -18.15 -25.50
N GLU C 218 -30.73 -18.82 -24.82
CA GLU C 218 -32.09 -18.90 -25.34
C GLU C 218 -32.80 -17.55 -25.31
N ILE C 219 -32.47 -16.69 -24.34
CA ILE C 219 -33.06 -15.34 -24.30
C ILE C 219 -32.29 -14.35 -25.14
N GLY C 220 -31.23 -14.77 -25.83
CA GLY C 220 -30.43 -13.87 -26.62
C GLY C 220 -29.47 -12.98 -25.86
N PHE C 221 -29.22 -13.24 -24.58
CA PHE C 221 -28.21 -12.47 -23.85
C PHE C 221 -26.80 -12.84 -24.33
N SER C 222 -26.58 -14.11 -24.68
CA SER C 222 -25.29 -14.62 -25.12
C SER C 222 -25.48 -15.37 -26.43
N SER C 223 -24.37 -15.82 -27.04
CA SER C 223 -24.41 -16.35 -28.40
C SER C 223 -23.52 -17.58 -28.53
N LEU C 224 -23.86 -18.43 -29.49
CA LEU C 224 -23.02 -19.53 -29.95
C LEU C 224 -22.48 -19.22 -31.35
N ASN C 225 -21.73 -20.20 -31.88
CA ASN C 225 -21.20 -20.20 -33.23
C ASN C 225 -20.74 -21.61 -33.55
N SER C 226 -20.36 -21.83 -34.82
CA SER C 226 -20.01 -23.19 -35.25
C SER C 226 -18.84 -23.76 -34.46
N ARG C 227 -17.97 -22.91 -33.92
CA ARG C 227 -16.88 -23.37 -33.07
C ARG C 227 -17.36 -23.73 -31.68
N LEU C 228 -18.36 -23.01 -31.17
CA LEU C 228 -18.86 -23.18 -29.81
C LEU C 228 -20.29 -23.74 -29.89
N THR C 229 -20.39 -25.07 -29.87
CA THR C 229 -21.69 -25.73 -29.76
C THR C 229 -22.30 -25.46 -28.39
N MET C 230 -23.60 -25.74 -28.27
CA MET C 230 -24.27 -25.59 -26.99
C MET C 230 -23.56 -26.38 -25.91
N SER C 231 -23.19 -27.63 -26.20
CA SER C 231 -22.56 -28.46 -25.18
C SER C 231 -21.21 -27.88 -24.76
N ARG C 232 -20.44 -27.35 -25.71
CA ARG C 232 -19.13 -26.80 -25.37
C ARG C 232 -19.25 -25.48 -24.61
N ALA C 233 -20.24 -24.67 -24.93
CA ALA C 233 -20.47 -23.45 -24.16
C ALA C 233 -20.78 -23.79 -22.71
N ILE C 234 -21.63 -24.78 -22.49
CA ILE C 234 -21.98 -25.18 -21.13
C ILE C 234 -20.74 -25.67 -20.40
N LYS C 235 -19.92 -26.49 -21.07
CA LYS C 235 -18.67 -26.94 -20.46
C LYS C 235 -17.74 -25.79 -20.14
N LEU C 236 -17.59 -24.83 -21.09
CA LEU C 236 -16.66 -23.72 -20.89
C LEU C 236 -16.93 -22.93 -19.60
N TYR C 237 -18.21 -22.65 -19.30
CA TYR C 237 -18.57 -21.81 -18.17
C TYR C 237 -18.93 -22.59 -16.93
N ARG C 238 -18.79 -23.92 -16.93
CA ARG C 238 -19.03 -24.72 -15.75
C ARG C 238 -18.13 -24.28 -14.60
N VAL C 239 -18.65 -24.34 -13.37
CA VAL C 239 -17.84 -24.03 -12.18
C VAL C 239 -17.96 -25.16 -11.17
N GLU C 240 -16.83 -25.50 -10.56
CA GLU C 240 -16.78 -26.49 -9.50
C GLU C 240 -17.50 -25.93 -8.27
N ASP C 241 -18.25 -26.80 -7.57
CA ASP C 241 -19.01 -26.41 -6.39
C ASP C 241 -18.20 -26.50 -5.11
N THR C 242 -16.96 -26.04 -5.11
CA THR C 242 -16.16 -26.02 -3.89
C THR C 242 -15.49 -24.66 -3.78
N LEU C 243 -15.60 -24.04 -2.59
CA LEU C 243 -15.03 -22.72 -2.35
C LEU C 243 -13.50 -22.78 -2.24
N ASN C 244 -12.84 -21.74 -2.78
CA ASN C 244 -11.42 -21.53 -2.51
C ASN C 244 -11.19 -21.16 -1.05
N ILE C 245 -12.08 -20.37 -0.48
CA ILE C 245 -12.00 -19.94 0.91
C ILE C 245 -13.10 -20.70 1.63
N LYS C 246 -12.73 -21.81 2.28
CA LYS C 246 -13.74 -22.80 2.65
C LYS C 246 -14.72 -22.29 3.70
N ASN C 247 -14.33 -21.30 4.52
CA ASN C 247 -15.17 -20.85 5.61
C ASN C 247 -15.98 -19.59 5.27
N MET C 248 -16.04 -19.21 4.00
CA MET C 248 -16.94 -18.12 3.61
C MET C 248 -18.36 -18.47 4.03
N ARG C 249 -18.98 -17.58 4.82
CA ARG C 249 -20.30 -17.82 5.37
C ARG C 249 -21.09 -16.51 5.33
N LEU C 250 -22.41 -16.61 5.37
CA LEU C 250 -23.23 -15.40 5.36
C LEU C 250 -22.84 -14.49 6.53
N MET C 251 -22.78 -13.20 6.23
CA MET C 251 -22.48 -12.22 7.27
C MET C 251 -23.59 -12.20 8.30
N LYS C 252 -23.21 -11.96 9.55
CA LYS C 252 -24.11 -11.83 10.67
C LYS C 252 -23.90 -10.49 11.36
N LYS C 253 -24.85 -10.16 12.24
CA LYS C 253 -24.80 -8.89 12.94
C LYS C 253 -23.47 -8.69 13.66
N LYS C 254 -22.95 -9.74 14.29
CA LYS C 254 -21.69 -9.63 15.01
C LYS C 254 -20.51 -9.31 14.12
N ASP C 255 -20.65 -9.43 12.80
CA ASP C 255 -19.54 -9.15 11.88
C ASP C 255 -19.44 -7.70 11.46
N VAL C 256 -20.38 -6.84 11.89
CA VAL C 256 -20.41 -5.46 11.39
C VAL C 256 -19.09 -4.76 11.69
N GLU C 257 -18.61 -4.86 12.93
CA GLU C 257 -17.36 -4.18 13.28
C GLU C 257 -16.20 -4.68 12.43
N GLY C 258 -16.10 -6.01 12.22
CA GLY C 258 -15.02 -6.54 11.41
C GLY C 258 -15.09 -6.09 9.96
N VAL C 259 -16.28 -6.12 9.37
CA VAL C 259 -16.43 -5.66 7.99
C VAL C 259 -16.10 -4.17 7.87
N HIS C 260 -16.55 -3.37 8.82
CA HIS C 260 -16.27 -1.94 8.79
C HIS C 260 -14.76 -1.67 8.75
N LYS C 261 -14.00 -2.36 9.60
CA LYS C 261 -12.54 -2.21 9.57
C LYS C 261 -11.97 -2.69 8.24
N LEU C 262 -12.36 -3.89 7.81
CA LEU C 262 -11.79 -4.46 6.59
C LEU C 262 -12.09 -3.58 5.38
N LEU C 263 -13.37 -3.28 5.18
CA LEU C 263 -13.74 -2.50 4.00
C LEU C 263 -13.23 -1.07 4.10
N GLY C 264 -13.36 -0.46 5.28
CA GLY C 264 -12.97 0.95 5.43
C GLY C 264 -11.51 1.20 5.11
N SER C 265 -10.62 0.33 5.62
CA SER C 265 -9.20 0.44 5.30
C SER C 265 -8.97 0.22 3.81
N TYR C 266 -9.62 -0.79 3.25
CA TYR C 266 -9.45 -1.12 1.84
C TYR C 266 -9.82 0.06 0.93
N LEU C 267 -10.92 0.75 1.21
CA LEU C 267 -11.41 1.73 0.25
C LEU C 267 -10.52 2.98 0.19
N GLU C 268 -9.70 3.22 1.20
CA GLU C 268 -8.95 4.48 1.26
C GLU C 268 -7.95 4.64 0.11
N GLN C 269 -7.63 3.57 -0.61
CA GLN C 269 -6.69 3.68 -1.72
C GLN C 269 -7.29 4.33 -2.96
N PHE C 270 -8.60 4.44 -3.06
CA PHE C 270 -9.18 4.87 -4.31
C PHE C 270 -9.37 6.38 -4.32
N ASN C 271 -9.61 6.92 -5.53
CA ASN C 271 -9.83 8.34 -5.74
C ASN C 271 -11.27 8.76 -5.47
N LEU C 272 -12.17 7.80 -5.35
CA LEU C 272 -13.58 8.09 -5.14
C LEU C 272 -14.17 6.92 -4.36
N TYR C 273 -14.67 7.19 -3.16
CA TYR C 273 -15.32 6.12 -2.38
C TYR C 273 -16.19 6.75 -1.31
N ALA C 274 -17.14 5.95 -0.82
CA ALA C 274 -17.94 6.35 0.33
C ALA C 274 -17.22 6.02 1.64
N VAL C 275 -17.29 6.93 2.60
CA VAL C 275 -16.73 6.72 3.93
C VAL C 275 -17.89 6.22 4.78
N PHE C 276 -17.91 4.90 5.02
CA PHE C 276 -19.02 4.27 5.70
C PHE C 276 -18.81 4.30 7.21
N THR C 277 -19.84 4.73 7.95
CA THR C 277 -19.90 4.45 9.38
C THR C 277 -20.26 2.98 9.64
N LYS C 278 -20.14 2.57 10.90
CA LYS C 278 -20.54 1.23 11.28
C LYS C 278 -22.03 1.02 11.04
N GLU C 279 -22.86 2.03 11.30
CA GLU C 279 -24.29 1.92 11.03
C GLU C 279 -24.57 1.76 9.53
N GLU C 280 -23.78 2.44 8.69
CA GLU C 280 -23.94 2.28 7.26
C GLU C 280 -23.50 0.90 6.79
N ILE C 281 -22.41 0.37 7.35
CA ILE C 281 -21.98 -0.99 7.04
C ILE C 281 -23.10 -1.98 7.36
N ALA C 282 -23.70 -1.85 8.55
CA ALA C 282 -24.84 -2.68 8.94
C ALA C 282 -25.95 -2.63 7.88
N HIS C 283 -26.30 -1.42 7.44
CA HIS C 283 -27.42 -1.29 6.51
C HIS C 283 -27.06 -1.85 5.13
N TRP C 284 -25.88 -1.51 4.61
CA TRP C 284 -25.57 -1.89 3.23
C TRP C 284 -25.17 -3.36 3.06
N PHE C 285 -24.70 -4.04 4.11
CA PHE C 285 -24.15 -5.38 3.94
C PHE C 285 -24.86 -6.50 4.66
N LEU C 286 -25.61 -6.25 5.72
CA LEU C 286 -26.30 -7.36 6.38
C LEU C 286 -27.26 -8.03 5.39
N PRO C 287 -27.18 -9.35 5.22
CA PRO C 287 -27.90 -10.00 4.13
C PRO C 287 -29.40 -9.81 4.21
N ILE C 288 -30.03 -9.56 3.06
CA ILE C 288 -31.47 -9.57 2.88
C ILE C 288 -31.74 -10.42 1.65
N GLU C 289 -32.49 -11.51 1.83
CA GLU C 289 -32.79 -12.44 0.75
C GLU C 289 -33.33 -11.69 -0.47
N ASN C 290 -32.82 -12.07 -1.65
CA ASN C 290 -33.19 -11.47 -2.93
C ASN C 290 -32.92 -9.96 -3.00
N VAL C 291 -32.08 -9.44 -2.11
CA VAL C 291 -31.69 -8.05 -2.16
C VAL C 291 -30.17 -7.91 -2.10
N ILE C 292 -29.57 -8.28 -0.97
CA ILE C 292 -28.13 -8.10 -0.79
C ILE C 292 -27.55 -9.35 -0.13
N TYR C 293 -26.43 -9.83 -0.67
CA TYR C 293 -25.76 -11.04 -0.19
C TYR C 293 -24.35 -10.66 0.20
N THR C 294 -23.98 -10.94 1.46
CA THR C 294 -22.64 -10.66 1.93
C THR C 294 -22.11 -11.87 2.68
N TYR C 295 -20.90 -12.30 2.31
CA TYR C 295 -20.25 -13.45 2.91
C TYR C 295 -18.89 -13.04 3.45
N VAL C 296 -18.49 -13.63 4.57
CA VAL C 296 -17.25 -13.25 5.24
C VAL C 296 -16.45 -14.51 5.58
N ASN C 297 -15.15 -14.31 5.71
CA ASN C 297 -14.21 -15.32 6.22
C ASN C 297 -13.67 -14.81 7.56
N GLU C 298 -14.04 -15.49 8.65
CA GLU C 298 -13.66 -15.09 10.00
C GLU C 298 -12.55 -15.99 10.52
N GLU C 299 -11.50 -15.37 11.04
CA GLU C 299 -10.43 -16.08 11.73
C GLU C 299 -10.19 -15.43 13.08
N ASN C 300 -10.19 -16.23 14.14
CA ASN C 300 -9.91 -15.76 15.49
C ASN C 300 -10.76 -14.53 15.83
N GLY C 301 -12.02 -14.56 15.37
CA GLY C 301 -12.92 -13.45 15.60
C GLY C 301 -12.65 -12.23 14.76
N LYS C 302 -11.81 -12.33 13.73
CA LYS C 302 -11.49 -11.21 12.84
C LYS C 302 -11.93 -11.53 11.41
N ILE C 303 -12.51 -10.53 10.75
CA ILE C 303 -12.97 -10.67 9.37
C ILE C 303 -11.78 -10.38 8.45
N LYS C 304 -11.34 -11.40 7.70
CA LYS C 304 -10.18 -11.26 6.84
C LYS C 304 -10.49 -11.18 5.35
N ASP C 305 -11.68 -11.59 4.93
CA ASP C 305 -12.08 -11.55 3.53
C ASP C 305 -13.59 -11.31 3.51
N MET C 306 -14.06 -10.64 2.45
CA MET C 306 -15.49 -10.46 2.29
C MET C 306 -15.86 -10.49 0.81
N ILE C 307 -17.08 -10.93 0.54
CA ILE C 307 -17.68 -10.95 -0.79
C ILE C 307 -19.07 -10.37 -0.66
N SER C 308 -19.47 -9.51 -1.59
CA SER C 308 -20.87 -9.07 -1.56
C SER C 308 -21.37 -8.85 -2.99
N PHE C 309 -22.65 -9.14 -3.19
CA PHE C 309 -23.29 -8.82 -4.46
C PHE C 309 -24.77 -8.56 -4.19
N TYR C 310 -25.38 -7.72 -5.02
CA TYR C 310 -26.80 -7.42 -4.85
C TYR C 310 -27.61 -8.03 -6.00
N SER C 311 -28.88 -8.25 -5.73
CA SER C 311 -29.80 -8.84 -6.70
C SER C 311 -30.52 -7.72 -7.44
N LEU C 312 -30.41 -7.71 -8.77
CA LEU C 312 -31.20 -6.78 -9.58
C LEU C 312 -31.71 -7.50 -10.81
N PRO C 313 -32.90 -8.09 -10.74
CA PRO C 313 -33.41 -8.84 -11.88
C PRO C 313 -33.91 -7.92 -12.98
N SER C 314 -33.85 -8.42 -14.21
CA SER C 314 -34.34 -7.70 -15.38
C SER C 314 -35.55 -8.43 -15.95
N GLN C 315 -36.54 -7.65 -16.35
CA GLN C 315 -37.68 -8.21 -17.05
CA GLN C 315 -37.69 -8.22 -17.05
C GLN C 315 -37.28 -8.59 -18.46
N ILE C 316 -37.67 -9.79 -18.90
CA ILE C 316 -37.31 -10.28 -20.23
C ILE C 316 -38.44 -9.86 -21.16
N LEU C 317 -38.27 -8.69 -21.77
CA LEU C 317 -39.28 -8.11 -22.65
C LEU C 317 -39.50 -9.00 -23.86
N GLY C 318 -40.61 -9.72 -23.87
CA GLY C 318 -40.91 -10.64 -24.96
C GLY C 318 -40.90 -12.08 -24.50
N ASN C 319 -39.96 -12.86 -25.07
CA ASN C 319 -39.70 -14.28 -24.81
C ASN C 319 -40.81 -15.09 -24.13
N ASP C 320 -41.33 -16.08 -24.83
CA ASP C 320 -42.44 -16.90 -24.36
C ASP C 320 -41.99 -18.08 -23.49
N LYS C 321 -40.80 -18.03 -22.90
CA LYS C 321 -40.40 -19.10 -21.99
C LYS C 321 -39.91 -18.58 -20.65
N TYR C 322 -39.18 -17.46 -20.65
CA TYR C 322 -38.65 -16.89 -19.43
C TYR C 322 -39.18 -15.47 -19.29
N SER C 323 -39.52 -15.09 -18.06
CA SER C 323 -39.91 -13.71 -17.80
C SER C 323 -38.81 -12.91 -17.12
N THR C 324 -37.90 -13.59 -16.40
CA THR C 324 -37.02 -12.97 -15.42
C THR C 324 -35.59 -13.39 -15.69
N LEU C 325 -34.70 -12.42 -15.89
CA LEU C 325 -33.27 -12.66 -15.82
C LEU C 325 -32.78 -12.35 -14.41
N ASN C 326 -32.29 -13.38 -13.71
CA ASN C 326 -31.83 -13.23 -12.32
C ASN C 326 -30.33 -12.89 -12.33
N ALA C 327 -30.01 -11.61 -12.13
CA ALA C 327 -28.65 -11.13 -12.24
C ALA C 327 -28.12 -10.73 -10.87
N ALA C 328 -26.90 -11.15 -10.57
CA ALA C 328 -26.17 -10.69 -9.40
C ALA C 328 -25.20 -9.61 -9.83
N TYR C 329 -25.10 -8.53 -9.05
CA TYR C 329 -24.17 -7.46 -9.36
C TYR C 329 -23.10 -7.40 -8.28
N SER C 330 -21.84 -7.52 -8.70
CA SER C 330 -20.70 -7.36 -7.79
C SER C 330 -20.81 -6.03 -7.07
N PHE C 331 -20.50 -6.06 -5.78
CA PHE C 331 -20.71 -4.91 -4.91
C PHE C 331 -19.35 -4.52 -4.33
N TYR C 332 -19.00 -5.03 -3.15
CA TYR C 332 -17.68 -4.82 -2.57
C TYR C 332 -17.04 -6.15 -2.19
N ASN C 333 -15.78 -6.35 -2.59
CA ASN C 333 -15.06 -7.59 -2.34
C ASN C 333 -13.65 -7.27 -1.89
N VAL C 334 -13.21 -7.88 -0.80
CA VAL C 334 -11.89 -7.65 -0.22
C VAL C 334 -11.29 -8.98 0.18
N THR C 335 -10.02 -9.24 -0.18
CA THR C 335 -9.36 -10.45 0.30
C THR C 335 -7.99 -10.12 0.91
N THR C 336 -7.71 -10.74 2.06
CA THR C 336 -6.36 -10.69 2.59
C THR C 336 -5.75 -12.06 2.83
N THR C 337 -6.48 -13.15 2.59
CA THR C 337 -5.90 -14.48 2.73
C THR C 337 -5.84 -15.26 1.42
N ALA C 338 -6.26 -14.67 0.29
CA ALA C 338 -6.26 -15.36 -0.99
C ALA C 338 -5.92 -14.35 -2.08
N THR C 339 -5.85 -14.81 -3.32
CA THR C 339 -5.71 -13.87 -4.42
C THR C 339 -7.08 -13.30 -4.78
N PHE C 340 -7.08 -12.11 -5.37
CA PHE C 340 -8.36 -11.52 -5.76
C PHE C 340 -9.07 -12.42 -6.77
N LYS C 341 -8.32 -13.05 -7.68
CA LYS C 341 -8.95 -14.00 -8.60
C LYS C 341 -9.65 -15.11 -7.83
N GLN C 342 -9.01 -15.65 -6.80
CA GLN C 342 -9.62 -16.74 -6.05
C GLN C 342 -10.87 -16.26 -5.33
N LEU C 343 -10.86 -15.01 -4.86
CA LEU C 343 -12.01 -14.45 -4.16
C LEU C 343 -13.18 -14.26 -5.11
N MET C 344 -12.94 -13.63 -6.27
CA MET C 344 -14.00 -13.44 -7.24
C MET C 344 -14.50 -14.76 -7.82
N GLN C 345 -13.63 -15.77 -7.89
CA GLN C 345 -14.10 -17.09 -8.29
C GLN C 345 -15.12 -17.62 -7.28
N ASP C 346 -14.82 -17.47 -5.98
CA ASP C 346 -15.78 -17.82 -4.94
C ASP C 346 -17.04 -16.97 -5.03
N ALA C 347 -16.91 -15.69 -5.37
CA ALA C 347 -18.11 -14.86 -5.55
C ALA C 347 -19.02 -15.45 -6.62
N ILE C 348 -18.45 -15.83 -7.76
CA ILE C 348 -19.24 -16.44 -8.82
C ILE C 348 -19.92 -17.70 -8.33
N LEU C 349 -19.19 -18.53 -7.59
CA LEU C 349 -19.76 -19.75 -7.03
C LEU C 349 -20.92 -19.41 -6.11
N LEU C 350 -20.75 -18.40 -5.26
CA LEU C 350 -21.81 -18.11 -4.31
C LEU C 350 -23.04 -17.55 -5.00
N ALA C 351 -22.84 -16.80 -6.09
CA ALA C 351 -23.98 -16.35 -6.87
C ALA C 351 -24.68 -17.54 -7.53
N LYS C 352 -23.91 -18.51 -8.02
CA LYS C 352 -24.53 -19.70 -8.59
CA LYS C 352 -24.52 -19.71 -8.60
C LYS C 352 -25.30 -20.47 -7.53
N ARG C 353 -24.71 -20.63 -6.35
CA ARG C 353 -25.42 -21.31 -5.27
C ARG C 353 -26.70 -20.59 -4.87
N ASN C 354 -26.80 -19.28 -5.13
CA ASN C 354 -28.04 -18.57 -4.84
C ASN C 354 -28.94 -18.41 -6.06
N ASN C 355 -28.75 -19.26 -7.08
CA ASN C 355 -29.68 -19.39 -8.21
CA ASN C 355 -29.64 -19.42 -8.24
C ASN C 355 -29.65 -18.19 -9.16
N PHE C 356 -28.54 -17.47 -9.24
CA PHE C 356 -28.43 -16.37 -10.19
C PHE C 356 -27.98 -16.89 -11.55
N ASP C 357 -28.45 -16.23 -12.61
CA ASP C 357 -28.18 -16.64 -13.99
C ASP C 357 -26.88 -16.09 -14.53
N VAL C 358 -26.44 -14.95 -13.99
CA VAL C 358 -25.34 -14.20 -14.55
C VAL C 358 -24.77 -13.38 -13.40
N PHE C 359 -23.47 -13.16 -13.43
CA PHE C 359 -22.76 -12.34 -12.44
C PHE C 359 -22.18 -11.15 -13.17
N ASN C 360 -22.67 -9.96 -12.86
CA ASN C 360 -22.26 -8.73 -13.53
C ASN C 360 -21.25 -7.96 -12.66
N ALA C 361 -20.30 -7.29 -13.31
CA ALA C 361 -19.34 -6.47 -12.58
C ALA C 361 -18.83 -5.34 -13.46
N LEU C 362 -18.36 -4.27 -12.81
CA LEU C 362 -17.77 -3.11 -13.45
C LEU C 362 -16.25 -3.19 -13.33
N GLU C 363 -15.56 -2.56 -14.28
CA GLU C 363 -14.10 -2.53 -14.24
C GLU C 363 -13.63 -1.48 -13.24
N VAL C 364 -14.14 -1.53 -12.02
CA VAL C 364 -13.71 -0.65 -10.95
C VAL C 364 -12.90 -1.47 -9.93
N MET C 365 -12.24 -0.75 -9.01
CA MET C 365 -11.41 -1.36 -7.96
C MET C 365 -10.44 -2.34 -8.64
N GLN C 366 -10.28 -3.55 -8.13
CA GLN C 366 -9.41 -4.54 -8.73
C GLN C 366 -10.10 -5.46 -9.72
N ASN C 367 -11.35 -5.18 -10.13
CA ASN C 367 -12.13 -6.18 -10.85
C ASN C 367 -11.51 -6.54 -12.21
N LYS C 368 -11.05 -5.54 -12.98
CA LYS C 368 -10.63 -5.79 -14.35
C LYS C 368 -9.52 -6.83 -14.42
N SER C 369 -8.67 -6.91 -13.39
CA SER C 369 -7.55 -7.83 -13.40
C SER C 369 -7.96 -9.30 -13.45
N VAL C 370 -9.22 -9.65 -13.17
CA VAL C 370 -9.62 -11.05 -13.14
C VAL C 370 -10.64 -11.40 -14.21
N PHE C 371 -11.09 -10.41 -14.99
CA PHE C 371 -12.17 -10.65 -15.95
C PHE C 371 -11.77 -11.70 -17.00
N GLU C 372 -10.57 -11.59 -17.57
CA GLU C 372 -10.17 -12.54 -18.60
C GLU C 372 -10.06 -13.96 -18.04
N ASP C 373 -9.35 -14.12 -16.91
CA ASP C 373 -9.12 -15.47 -16.38
C ASP C 373 -10.41 -16.12 -15.88
N LEU C 374 -11.34 -15.35 -15.34
CA LEU C 374 -12.59 -15.92 -14.85
C LEU C 374 -13.68 -15.95 -15.93
N LYS C 375 -13.31 -15.72 -17.20
CA LYS C 375 -14.20 -15.92 -18.33
C LYS C 375 -15.37 -14.93 -18.34
N PHE C 376 -15.16 -13.72 -17.83
CA PHE C 376 -16.14 -12.65 -18.05
C PHE C 376 -16.15 -12.26 -19.52
N GLY C 377 -17.30 -11.81 -19.99
CA GLY C 377 -17.42 -11.24 -21.32
C GLY C 377 -17.65 -9.74 -21.20
N GLU C 378 -17.01 -8.96 -22.08
CA GLU C 378 -17.22 -7.52 -22.10
C GLU C 378 -18.63 -7.23 -22.58
N GLY C 379 -19.37 -6.42 -21.84
CA GLY C 379 -20.69 -5.98 -22.28
C GLY C 379 -20.58 -4.92 -23.37
N ASP C 380 -21.73 -4.34 -23.71
CA ASP C 380 -21.74 -3.24 -24.67
C ASP C 380 -22.13 -1.91 -24.04
N GLU C 381 -22.17 -1.80 -22.71
CA GLU C 381 -22.59 -0.59 -22.02
CA GLU C 381 -22.51 -0.54 -22.10
C GLU C 381 -21.56 -0.25 -20.94
N SER C 382 -21.47 1.04 -20.60
CA SER C 382 -20.60 1.47 -19.50
C SER C 382 -21.39 2.38 -18.58
N LEU C 383 -20.90 2.48 -17.34
CA LEU C 383 -21.49 3.31 -16.30
C LEU C 383 -20.62 4.54 -16.08
N LYS C 384 -21.19 5.74 -16.31
CA LYS C 384 -20.46 6.99 -16.12
C LYS C 384 -20.71 7.51 -14.71
N TYR C 385 -19.64 7.91 -14.01
CA TYR C 385 -19.73 8.48 -12.67
C TYR C 385 -19.69 9.99 -12.72
N TYR C 386 -20.63 10.64 -12.05
CA TYR C 386 -20.73 12.09 -12.09
C TYR C 386 -20.75 12.68 -10.69
N LEU C 387 -20.19 13.88 -10.57
CA LEU C 387 -20.35 14.75 -9.40
C LEU C 387 -21.03 16.05 -9.81
N TYR C 388 -21.88 16.57 -8.94
CA TYR C 388 -22.54 17.85 -9.14
C TYR C 388 -21.84 18.90 -8.30
N ASN C 389 -21.48 20.02 -8.94
CA ASN C 389 -20.82 21.14 -8.25
C ASN C 389 -19.48 20.72 -7.65
N TRP C 390 -18.64 20.10 -8.48
CA TRP C 390 -17.30 19.73 -8.04
C TRP C 390 -16.40 19.63 -9.27
N LYS C 391 -15.29 20.36 -9.26
CA LYS C 391 -14.27 20.28 -10.31
C LYS C 391 -13.06 19.52 -9.79
N CYS C 392 -12.57 18.58 -10.58
CA CYS C 392 -11.44 17.74 -10.19
C CYS C 392 -10.99 16.97 -11.41
N ALA C 393 -9.82 16.34 -11.28
CA ALA C 393 -9.31 15.53 -12.37
C ALA C 393 -10.15 14.27 -12.51
N SER C 394 -10.35 13.84 -13.74
CA SER C 394 -10.96 12.55 -14.01
C SER C 394 -9.89 11.45 -13.90
N PHE C 395 -10.33 10.19 -13.87
CA PHE C 395 -9.39 9.10 -13.64
C PHE C 395 -9.96 7.80 -14.20
N ALA C 396 -9.05 6.84 -14.43
CA ALA C 396 -9.43 5.52 -14.95
C ALA C 396 -10.30 4.79 -13.94
N PRO C 397 -11.19 3.90 -14.40
CA PRO C 397 -12.14 3.26 -13.47
C PRO C 397 -11.47 2.37 -12.42
N ALA C 398 -10.21 1.95 -12.61
CA ALA C 398 -9.54 1.18 -11.57
C ALA C 398 -9.39 1.99 -10.28
N HIS C 399 -9.46 3.32 -10.38
CA HIS C 399 -9.35 4.19 -9.22
C HIS C 399 -10.71 4.50 -8.59
N VAL C 400 -11.79 4.01 -9.17
CA VAL C 400 -13.12 4.12 -8.57
C VAL C 400 -13.28 3.06 -7.49
N GLY C 401 -13.72 3.48 -6.31
CA GLY C 401 -13.93 2.58 -5.18
C GLY C 401 -15.33 2.68 -4.62
N ILE C 402 -16.32 2.93 -5.48
CA ILE C 402 -17.71 3.01 -5.07
C ILE C 402 -18.58 2.33 -6.12
N VAL C 403 -19.57 1.55 -5.66
CA VAL C 403 -20.59 0.96 -6.52
C VAL C 403 -21.95 1.46 -6.06
N LEU C 404 -22.65 2.16 -6.93
CA LEU C 404 -23.96 2.72 -6.65
C LEU C 404 -25.04 1.79 -7.19
N LEU C 405 -26.23 1.89 -6.60
CA LEU C 405 -27.33 1.00 -6.93
C LEU C 405 -28.03 1.40 -8.22
C YNC D . 14.07 -15.81 -23.91
N YNC D . 13.89 -14.72 -24.70
O YNC D . 11.84 -21.69 -23.50
P YNC D . 12.49 -24.68 -22.39
S YNC D . 14.49 -10.94 -24.17
C1 YNC D . 14.59 -16.74 -21.82
N1 YNC D . 14.40 -15.66 -22.61
O1 YNC D . 13.60 -23.56 -22.70
P1 YNC D . 17.49 -22.75 -27.48
C2 YNC D . 14.16 -18.30 -23.53
N2 YNC D . 14.47 -18.02 -22.23
O2 YNC D . 12.45 -24.74 -20.88
P2 YNC D . 16.89 -20.54 -29.21
C3 YNC D . 13.94 -17.19 -24.45
N3 YNC D . 13.63 -17.75 -25.65
O3 YNC D . 11.24 -24.15 -23.04
C4 YNC D . 13.67 -19.09 -25.49
N4 YNC D . 13.97 -19.42 -24.22
O4 YNC D . 13.05 -25.91 -23.06
C5 YNC D . 14.13 -20.80 -23.67
N5 YNC D . 16.00 -14.78 -30.58
O5 YNC D . 16.96 -22.75 -25.95
C6 YNC D . 13.08 -21.76 -24.22
N6 YNC D . 15.97 -12.39 -27.57
O6 YNC D . 18.90 -22.18 -27.47
C7 YNC D . 13.77 -23.11 -24.04
O7 YNC D . 16.48 -21.66 -28.11
C8 YNC D . 15.23 -22.81 -24.25
O8 YNC D . 15.62 -20.11 -29.92
C9 YNC D . 15.66 -23.24 -25.64
O9 YNC D . 17.35 -19.31 -28.27
C10 YNC D . 16.40 -18.33 -27.87
O10 YNC D . 16.93 -10.48 -23.88
C11 YNC D . 16.96 -16.95 -28.18
O11 YNC D . 14.26 -12.77 -29.00
C12 YNC D . 16.09 -15.89 -27.51
O12 YNC D . 18.26 -14.95 -30.32
C13 YNC D . 18.40 -16.87 -27.68
O13 YNC D . 15.68 -17.34 -30.20
C14 YNC D . 16.93 -16.84 -29.72
O14 YNC D . 18.11 -20.99 -30.00
C15 YNC D . 17.12 -15.43 -30.24
O15 YNC D . 17.22 -24.12 -28.07
C16 YNC D . 15.99 -13.41 -31.06
O16 YNC D . 15.37 -21.39 -24.05
C17 YNC D . 16.41 -12.45 -29.96
C18 YNC D . 15.45 -12.56 -28.80
C19 YNC D . 15.14 -12.30 -26.39
C20 YNC D . 15.14 -10.90 -25.80
C21 YNC D . 15.91 -10.81 -23.29
C22 YNC D . 15.96 -11.13 -21.81
C23 YNC D . 16.23 -12.62 -21.67
C24 YNC D . 16.34 -13.13 -20.23
C25 YNC D . 16.92 -14.54 -20.21
C26 YNC D . 16.70 -15.27 -18.88
C27 YNC D . 17.51 -14.65 -17.74
C28 YNC D . 17.32 -15.43 -16.44
C29 YNC D . 18.05 -14.78 -15.26
C30 YNC D . 19.52 -15.20 -15.24
C31 YNC D . 20.31 -14.49 -14.14
C32 YNC D . 19.88 -14.90 -12.72
C33 YNC D . 20.83 -14.38 -11.65
C34 YNC D . 20.33 -14.63 -10.23
CL CL E . 5.83 25.54 -28.05
C1 EDO F . 15.32 0.92 -15.51
C1 EDO F . 15.71 0.44 -15.74
O1 EDO F . 14.48 1.69 -16.39
O1 EDO F . 14.69 1.35 -16.20
C2 EDO F . 16.76 0.93 -16.04
C2 EDO F . 16.91 0.43 -16.70
O2 EDO F . 17.44 -0.19 -15.45
O2 EDO F . 16.54 -0.21 -17.93
S SO4 G . -9.04 -3.17 -22.94
O1 SO4 G . -9.19 -1.85 -23.57
O2 SO4 G . -8.23 -3.99 -23.82
O3 SO4 G . -10.36 -3.78 -22.78
O4 SO4 G . -8.42 -2.99 -21.65
C YNC H . 4.25 11.10 33.67
N YNC H . 4.67 10.06 34.44
O YNC H . -1.09 14.43 32.90
P YNC H . -2.37 17.21 31.82
S YNC H . 7.41 7.57 34.16
C1 YNC H . 4.32 12.27 31.64
N1 YNC H . 4.73 11.25 32.42
O1 YNC H . -0.88 17.15 32.40
P1 YNC H . 2.44 18.68 37.28
C2 YNC H . 2.84 13.18 33.24
N2 YNC H . 3.41 13.20 32.01
O2 YNC H . -2.07 17.37 30.35
P2 YNC H . 3.23 16.49 38.98
C3 YNC H . 3.24 12.09 34.16
N3 YNC H . 2.54 12.28 35.29
O3 YNC H . -2.98 15.88 32.22
C4 YNC H . 1.76 13.39 35.12
N4 YNC H . 1.92 13.92 33.89
O4 YNC H . -3.02 18.39 32.50
C5 YNC H . 1.24 15.15 33.37
N5 YNC H . 6.03 11.33 40.48
O5 YNC H . 2.08 18.42 35.73
C6 YNC H . -0.24 15.21 33.75
N6 YNC H . 7.59 9.73 37.52
O6 YNC H . 3.88 19.13 37.36
C7 YNC H . -0.55 16.71 33.71
O7 YNC H . 2.31 17.17 37.83
C8 YNC H . 0.78 17.38 33.99
O8 YNC H . 2.40 15.44 39.68
C9 YNC H . 0.75 18.09 35.34
O9 YNC H . 4.34 15.76 38.05
C10 YNC H . 4.19 14.39 37.67
O10 YNC H . 9.76 8.49 33.93
C11 YNC H . 5.46 13.66 38.04
O11 YNC H . 6.11 8.61 38.80
C12 YNC H . 5.54 12.33 37.30
O12 YNC H . 7.60 12.97 40.28
C13 YNC H . 6.68 14.51 37.67
O13 YNC H . 4.09 12.91 39.88
C14 YNC H . 5.37 13.45 39.56
O14 YNC H . 3.95 17.52 39.80
C15 YNC H . 6.45 12.56 40.13
O15 YNC H . 1.35 19.54 37.88
C16 YNC H . 6.88 10.28 40.98
O16 YNC H . 1.79 16.36 33.93
C17 YNC H . 7.85 9.80 39.91
C18 YNC H . 7.10 9.33 38.69
C19 YNC H . 7.11 9.17 36.27
C20 YNC H . 7.88 7.93 35.82
C21 YNC H . 8.69 8.28 33.36
C22 YNC H . 8.54 8.68 31.91
C23 YNC H . 7.80 10.01 31.81
C24 YNC H . 7.80 10.47 30.36
C25 YNC H . 7.52 11.96 30.20
C26 YNC H . 7.06 12.23 28.78
C27 YNC H . 8.19 12.34 27.76
C28 YNC H . 7.59 12.81 26.43
C29 YNC H . 8.59 12.82 25.29
C30 YNC H . 9.45 14.08 25.33
C31 YNC H . 10.54 14.09 24.26
C32 YNC H . 9.99 14.17 22.83
C33 YNC H . 11.15 14.30 21.85
C34 YNC H . 10.68 14.16 20.40
CL CL I . 23.00 -26.72 38.23
C1 EDO J . 17.54 -0.30 26.95
C1 EDO J . 16.41 -0.09 26.09
O1 EDO J . 17.37 0.97 26.31
O1 EDO J . 16.90 0.76 25.04
C2 EDO J . 17.03 -0.15 28.37
C2 EDO J . 15.95 -1.40 25.48
O2 EDO J . 15.94 0.77 28.33
O2 EDO J . 15.76 -2.35 26.52
C YNC K . -30.22 11.30 -16.56
N YNC K . -30.22 9.96 -16.47
O YNC K . -29.55 15.55 -21.01
P YNC K . -30.09 18.79 -21.98
S YNC K . -29.67 7.30 -13.68
C1 YNC K . -29.68 13.40 -15.64
N1 YNC K . -29.71 12.05 -15.56
O1 YNC K . -30.86 17.89 -20.89
P1 YNC K . -36.63 15.54 -20.72
C2 YNC K . -30.68 13.49 -17.76
N2 YNC K . -30.14 14.11 -16.69
O2 YNC K . -29.15 19.61 -21.10
P2 YNC K . -37.08 12.71 -20.62
C3 YNC K . -30.75 12.01 -17.75
N3 YNC K . -31.32 11.66 -18.92
O3 YNC K . -29.37 17.82 -22.89
C4 YNC K . -31.59 12.81 -19.61
N4 YNC K . -31.21 13.91 -18.91
O4 YNC K . -31.19 19.59 -22.65
C5 YNC K . -31.36 15.32 -19.35
N5 YNC K . -35.76 7.06 -18.45
O5 YNC K . -35.26 16.19 -20.17
C6 YNC K . -30.97 15.49 -20.81
N6 YNC K . -33.22 7.26 -15.50
O6 YNC K . -37.65 15.59 -19.60
C7 YNC K . -31.68 16.77 -21.20
O7 YNC K . -36.15 14.01 -20.88
C8 YNC K . -32.90 16.82 -20.29
O8 YNC K . -36.71 11.65 -21.63
C9 YNC K . -34.20 16.57 -21.06
O9 YNC K . -36.52 12.28 -19.17
C10 YNC K . -35.33 11.49 -19.08
O10 YNC K . -31.44 7.88 -11.99
C11 YNC K . -35.57 10.39 -18.07
O11 YNC K . -32.95 6.15 -17.43
C12 YNC K . -34.23 9.81 -17.61
O12 YNC K . -37.39 7.97 -17.15
C13 YNC K . -36.36 10.93 -16.88
O13 YNC K . -35.76 9.09 -20.07
C14 YNC K . -36.40 9.34 -18.81
O14 YNC K . -38.54 13.10 -20.44
C15 YNC K . -36.56 8.06 -18.04
O15 YNC K . -36.96 16.10 -22.09
C16 YNC K . -35.69 5.79 -17.75
O16 YNC K . -32.69 15.84 -19.26
C17 YNC K . -35.07 5.97 -16.37
C18 YNC K . -33.64 6.47 -16.49
C19 YNC K . -31.81 7.54 -15.29
C20 YNC K . -31.15 6.56 -14.32
C21 YNC K . -30.32 8.13 -12.40
C22 YNC K . -29.55 9.27 -11.75
C23 YNC K . -29.99 10.56 -12.43
C24 YNC K . -29.33 11.80 -11.82
C25 YNC K . -30.01 13.07 -12.33
C26 YNC K . -29.16 14.30 -12.07
C27 YNC K . -29.02 14.63 -10.59
C28 YNC K . -28.11 15.85 -10.46
C29 YNC K . -27.80 16.21 -9.01
C30 YNC K . -28.99 16.95 -8.39
C31 YNC K . -28.78 17.25 -6.91
C32 YNC K . -27.69 18.28 -6.66
C33 YNC K . -27.68 18.60 -5.17
C34 YNC K . -26.57 19.55 -4.72
CL CL L . -17.33 -25.60 -0.46
C1 EDO M . -19.43 25.64 -0.11
O1 EDO M . -20.80 25.87 0.24
C2 EDO M . -19.25 24.27 -0.79
O2 EDO M . -19.90 24.19 -2.07
C1 EDO N . -25.15 2.12 -2.22
C1 EDO N . -22.46 3.17 -2.09
O1 EDO N . -25.21 3.03 -3.34
O1 EDO N . -21.93 1.84 -2.26
C2 EDO N . -24.06 2.60 -1.26
C2 EDO N . -23.78 3.08 -1.33
O2 EDO N . -24.09 4.02 -1.17
O2 EDO N . -24.39 4.39 -1.21
S SO4 O . -24.12 -15.82 16.34
O1 SO4 O . -23.41 -16.64 15.37
O2 SO4 O . -23.74 -14.42 16.19
O3 SO4 O . -23.76 -16.28 17.68
O4 SO4 O . -25.56 -15.96 16.15
#